data_6VGM
#
_entry.id   6VGM
#
_cell.length_a   52.835
_cell.length_b   97.459
_cell.length_c   101.237
_cell.angle_alpha   90.000
_cell.angle_beta   90.050
_cell.angle_gamma   90.000
#
_symmetry.space_group_name_H-M   'P 1 21 1'
#
loop_
_entity.id
_entity.type
_entity.pdbx_description
1 polymer 'DNA polymerase IV'
2 polymer "DNA (5'-D(*GP*GP*GP*GP*GP*AP*AP*GP*GP*AP*TP*TP*C)-3')"
3 polymer "DNA (5'-D(*TP*CP*AP*TP*(A38)P*GP*AP*AP*TP*CP*CP*TP*TP*CP*CP*CP*CP*C)-3')"
4 non-polymer "5'-O-[(R)-hydroxy{[(R)-hydroxy(phosphonooxy)phosphoryl]amino}phosphoryl]thymidine"
5 non-polymer 'MAGNESIUM ION'
6 water water
#
loop_
_entity_poly.entity_id
_entity_poly.type
_entity_poly.pdbx_seq_one_letter_code
_entity_poly.pdbx_strand_id
1 'polypeptide(L)'
;MIVLFVDFDYFYAQVEEVLNPSLKGKPVVVCVFSGRFEDSGAVATANYEARKFGVKAGIPIVEAKKILPNAVYLPMRKEV
YQQVSSRIMNLLREYSEKIEIASIDEAYLDISDKVRDYREAYNLGLEIKNKILEKEKITVTVGISKNKVFAKIAADMAKP
NGIKVIDDEEVKRLIRELDIADVPGIGNITAEKLKKLGINKLVDTLSIEFDKLKGMIGEAKAKYLISLARDEYNEPIRTR
VRKSIGRIVTMKRNSRNLEEIKPYLFRAIEESYYKLDKRIPKAIHVVAVTEDLDIVSRGRTFPHGISKETAYSESVKLLQ
KILEEDERKIRRIGVRFSKFI
;
A,D
2 'polydeoxyribonucleotide' (DG)(DG)(DG)(DG)(DG)(DA)(DA)(DG)(DG)(DA)(DT)(DT)(DC) B,P
3 'polydeoxyribonucleotide' (DT)(DC)(DA)(DT)(A38)(DG)(DA)(DA)(DT)(DC)(DC)(DT)(DT)(DC)(DC)(DC)(DC)(DC) C,T
#
loop_
_chem_comp.id
_chem_comp.type
_chem_comp.name
_chem_comp.formula
1FZ non-polymer 5'-O-[(R)-hydroxy{[(R)-hydroxy(phosphonooxy)phosphoryl]amino}phosphoryl]thymidine 'C10 H18 N3 O13 P3'
A38 DNA linking '8-OXY DEOXYADENOSINE-5'-MONOPHOSPHATE' 'C10 H14 N5 O7 P'
DA DNA linking 2'-DEOXYADENOSINE-5'-MONOPHOSPHATE 'C10 H14 N5 O6 P'
DC DNA linking 2'-DEOXYCYTIDINE-5'-MONOPHOSPHATE 'C9 H14 N3 O7 P'
DG DNA linking 2'-DEOXYGUANOSINE-5'-MONOPHOSPHATE 'C10 H14 N5 O7 P'
DT DNA linking THYMIDINE-5'-MONOPHOSPHATE 'C10 H15 N2 O8 P'
MG non-polymer 'MAGNESIUM ION' 'Mg 2'
#
# COMPACT_ATOMS: atom_id res chain seq x y z
N MET A 1 -26.08 6.09 -45.16
CA MET A 1 -25.21 6.52 -44.06
C MET A 1 -24.12 5.48 -43.80
N ILE A 2 -22.89 5.96 -43.63
CA ILE A 2 -21.72 5.08 -43.46
C ILE A 2 -21.03 5.47 -42.17
N VAL A 3 -21.05 4.56 -41.20
CA VAL A 3 -20.41 4.77 -39.89
C VAL A 3 -19.06 4.05 -39.89
N LEU A 4 -18.01 4.76 -39.47
CA LEU A 4 -16.67 4.21 -39.28
C LEU A 4 -16.41 4.09 -37.79
N PHE A 5 -16.33 2.87 -37.30
CA PHE A 5 -16.11 2.59 -35.89
C PHE A 5 -14.65 2.23 -35.66
N VAL A 6 -14.06 2.79 -34.61
CA VAL A 6 -12.69 2.45 -34.21
C VAL A 6 -12.69 2.03 -32.76
N ASP A 7 -11.89 1.03 -32.44
CA ASP A 7 -11.69 0.59 -31.06
C ASP A 7 -10.29 0.02 -30.94
N PHE A 8 -9.53 0.55 -29.99
CA PHE A 8 -8.14 0.16 -29.84
C PHE A 8 -8.04 -1.28 -29.34
N ASP A 9 -6.95 -1.95 -29.70
CA ASP A 9 -6.75 -3.35 -29.35
C ASP A 9 -6.03 -3.47 -28.02
N TYR A 10 -6.57 -4.30 -27.12
CA TYR A 10 -6.09 -4.46 -25.75
C TYR A 10 -5.49 -3.16 -25.21
N PHE A 11 -6.30 -2.11 -25.16
CA PHE A 11 -5.78 -0.74 -25.11
C PHE A 11 -4.79 -0.53 -23.97
N TYR A 12 -5.21 -0.82 -22.73
CA TYR A 12 -4.38 -0.50 -21.58
C TYR A 12 -3.02 -1.18 -21.66
N ALA A 13 -3.00 -2.46 -22.05
CA ALA A 13 -1.74 -3.21 -22.12
C ALA A 13 -0.84 -2.67 -23.22
N GLN A 14 -1.41 -2.36 -24.38
CA GLN A 14 -0.60 -1.88 -25.50
C GLN A 14 0.14 -0.59 -25.14
N VAL A 15 -0.53 0.32 -24.45
CA VAL A 15 0.13 1.55 -23.99
C VAL A 15 1.34 1.19 -23.13
N GLU A 16 1.16 0.23 -22.21
CA GLU A 16 2.27 -0.24 -21.40
C GLU A 16 3.42 -0.75 -22.27
N GLU A 17 3.12 -1.30 -23.45
CA GLU A 17 4.17 -1.77 -24.33
C GLU A 17 4.88 -0.61 -25.03
N VAL A 18 4.13 0.28 -25.69
CA VAL A 18 4.76 1.38 -26.42
C VAL A 18 5.52 2.29 -25.46
N LEU A 19 5.18 2.25 -24.18
CA LEU A 19 5.92 2.99 -23.17
C LEU A 19 7.11 2.21 -22.61
N ASN A 20 7.07 0.88 -22.65
CA ASN A 20 8.21 0.05 -22.28
C ASN A 20 8.27 -1.10 -23.27
N PRO A 21 8.97 -0.92 -24.41
CA PRO A 21 8.80 -1.84 -25.54
C PRO A 21 9.27 -3.26 -25.29
N SER A 22 9.91 -3.55 -24.14
CA SER A 22 10.36 -4.91 -23.86
C SER A 22 9.21 -5.83 -23.53
N LEU A 23 8.14 -5.29 -22.93
CA LEU A 23 6.97 -6.08 -22.57
C LEU A 23 6.42 -6.86 -23.75
N LYS A 24 6.70 -6.37 -24.96
CA LYS A 24 6.43 -7.06 -26.21
C LYS A 24 6.67 -8.55 -26.13
N GLY A 25 5.79 -9.30 -26.81
CA GLY A 25 5.94 -10.73 -26.94
C GLY A 25 5.61 -11.54 -25.71
N LYS A 26 5.59 -10.93 -24.53
CA LYS A 26 5.20 -11.64 -23.33
C LYS A 26 3.70 -11.51 -23.12
N PRO A 27 3.11 -12.38 -22.29
CA PRO A 27 1.70 -12.19 -21.92
C PRO A 27 1.58 -11.13 -20.83
N VAL A 28 0.87 -10.04 -21.14
CA VAL A 28 0.78 -8.87 -20.27
C VAL A 28 -0.63 -8.76 -19.70
N VAL A 29 -0.71 -8.25 -18.47
CA VAL A 29 -1.98 -8.13 -17.75
C VAL A 29 -1.96 -6.82 -16.97
N VAL A 30 -2.98 -5.98 -17.17
CA VAL A 30 -3.15 -4.73 -16.45
C VAL A 30 -4.19 -4.96 -15.36
N CYS A 31 -3.82 -4.68 -14.11
CA CYS A 31 -4.66 -5.04 -12.96
C CYS A 31 -5.09 -3.80 -12.18
N VAL A 32 -6.25 -3.92 -11.55
CA VAL A 32 -6.77 -2.95 -10.61
C VAL A 32 -6.68 -3.60 -9.24
N PHE A 33 -5.69 -3.20 -8.44
CA PHE A 33 -5.56 -3.72 -7.08
C PHE A 33 -6.41 -2.89 -6.12
N SER A 34 -7.29 -3.56 -5.38
CA SER A 34 -8.14 -2.86 -4.44
C SER A 34 -7.45 -2.60 -3.11
N GLY A 35 -6.56 -3.50 -2.68
CA GLY A 35 -5.81 -3.34 -1.46
C GLY A 35 -6.25 -4.26 -0.33
N ARG A 36 -7.50 -4.75 -0.38
CA ARG A 36 -8.06 -5.57 0.69
C ARG A 36 -7.07 -6.62 1.16
N PHE A 37 -6.73 -7.55 0.28
CA PHE A 37 -5.60 -8.44 0.45
C PHE A 37 -4.75 -8.31 -0.82
N GLU A 38 -3.44 -8.38 -0.66
CA GLU A 38 -2.57 -8.10 -1.80
C GLU A 38 -2.73 -9.17 -2.86
N ASP A 39 -3.26 -8.74 -4.02
CA ASP A 39 -3.68 -9.51 -5.20
C ASP A 39 -5.20 -9.61 -5.26
N SER A 40 -5.89 -8.95 -4.33
CA SER A 40 -7.32 -8.73 -4.50
C SER A 40 -7.53 -7.63 -5.53
N GLY A 41 -8.43 -7.87 -6.45
CA GLY A 41 -8.67 -6.95 -7.55
C GLY A 41 -9.15 -7.70 -8.77
N ALA A 42 -9.36 -6.94 -9.84
CA ALA A 42 -9.83 -7.48 -11.10
C ALA A 42 -8.82 -7.21 -12.20
N VAL A 43 -9.00 -7.88 -13.33
CA VAL A 43 -8.16 -7.67 -14.51
C VAL A 43 -8.87 -6.68 -15.41
N ALA A 44 -8.22 -5.54 -15.67
CA ALA A 44 -8.77 -4.55 -16.59
C ALA A 44 -8.72 -5.06 -18.02
N THR A 45 -7.53 -5.38 -18.50
CA THR A 45 -7.38 -6.01 -19.80
C THR A 45 -6.09 -6.80 -19.81
N ALA A 46 -5.99 -7.73 -20.76
CA ALA A 46 -4.78 -8.48 -21.01
C ALA A 46 -4.54 -8.55 -22.51
N ASN A 47 -3.26 -8.55 -22.89
CA ASN A 47 -2.92 -8.63 -24.31
C ASN A 47 -3.28 -10.03 -24.83
N TYR A 48 -3.25 -10.15 -26.17
CA TYR A 48 -3.82 -11.33 -26.81
C TYR A 48 -2.99 -12.59 -26.62
N GLU A 49 -1.68 -12.45 -26.33
CA GLU A 49 -0.93 -13.60 -25.85
C GLU A 49 -1.55 -14.14 -24.57
N ALA A 50 -1.66 -13.29 -23.55
CA ALA A 50 -2.29 -13.68 -22.30
C ALA A 50 -3.77 -14.02 -22.52
N ARG A 51 -4.45 -13.26 -23.38
CA ARG A 51 -5.87 -13.51 -23.61
C ARG A 51 -6.09 -14.88 -24.22
N LYS A 52 -5.10 -15.41 -24.94
CA LYS A 52 -5.24 -16.72 -25.56
C LYS A 52 -5.48 -17.81 -24.52
N PHE A 53 -4.83 -17.70 -23.36
CA PHE A 53 -4.92 -18.70 -22.31
C PHE A 53 -6.06 -18.46 -21.34
N GLY A 54 -6.92 -17.47 -21.61
CA GLY A 54 -8.09 -17.23 -20.79
C GLY A 54 -8.04 -16.01 -19.90
N VAL A 55 -6.99 -15.21 -19.95
CA VAL A 55 -6.94 -13.97 -19.18
C VAL A 55 -7.81 -12.92 -19.88
N LYS A 56 -8.91 -12.55 -19.23
CA LYS A 56 -9.88 -11.65 -19.83
C LYS A 56 -10.25 -10.56 -18.83
N ALA A 57 -10.93 -9.54 -19.34
CA ALA A 57 -11.42 -8.46 -18.49
C ALA A 57 -12.47 -8.99 -17.51
N GLY A 58 -12.40 -8.53 -16.27
CA GLY A 58 -13.37 -8.85 -15.25
C GLY A 58 -13.04 -10.02 -14.37
N ILE A 59 -11.97 -10.77 -14.67
CA ILE A 59 -11.60 -11.94 -13.88
C ILE A 59 -10.87 -11.43 -12.64
N PRO A 60 -10.96 -12.12 -11.49
CA PRO A 60 -10.10 -11.76 -10.36
C PRO A 60 -8.63 -11.96 -10.71
N ILE A 61 -7.78 -11.09 -10.18
CA ILE A 61 -6.34 -11.26 -10.38
C ILE A 61 -5.88 -12.59 -9.79
N VAL A 62 -6.51 -13.02 -8.68
CA VAL A 62 -6.11 -14.27 -8.05
C VAL A 62 -6.36 -15.44 -8.99
N GLU A 63 -7.40 -15.37 -9.83
CA GLU A 63 -7.64 -16.41 -10.81
C GLU A 63 -6.80 -16.21 -12.07
N ALA A 64 -6.31 -14.98 -12.31
CA ALA A 64 -5.40 -14.78 -13.41
C ALA A 64 -4.02 -15.35 -13.11
N LYS A 65 -3.53 -15.13 -11.88
CA LYS A 65 -2.14 -15.49 -11.56
C LYS A 65 -1.95 -16.99 -11.51
N LYS A 66 -3.00 -17.75 -11.16
CA LYS A 66 -2.88 -19.21 -11.19
C LYS A 66 -2.65 -19.72 -12.61
N ILE A 67 -3.11 -18.98 -13.62
CA ILE A 67 -3.00 -19.45 -14.99
C ILE A 67 -1.69 -19.02 -15.63
N LEU A 68 -1.14 -17.87 -15.26
CA LEU A 68 0.13 -17.38 -15.80
C LEU A 68 0.94 -16.67 -14.73
N PRO A 69 1.60 -17.42 -13.84
CA PRO A 69 2.37 -16.76 -12.77
C PRO A 69 3.52 -15.90 -13.28
N ASN A 70 4.19 -16.31 -14.35
CA ASN A 70 5.32 -15.56 -14.88
C ASN A 70 4.92 -14.53 -15.92
N ALA A 71 3.61 -14.34 -16.15
CA ALA A 71 3.17 -13.19 -16.92
C ALA A 71 3.45 -11.91 -16.14
N VAL A 72 3.65 -10.81 -16.86
CA VAL A 72 3.82 -9.52 -16.21
C VAL A 72 2.47 -9.01 -15.73
N TYR A 73 2.44 -8.47 -14.51
CA TYR A 73 1.22 -7.95 -13.90
C TYR A 73 1.47 -6.50 -13.51
N LEU A 74 0.93 -5.58 -14.28
CA LEU A 74 1.20 -4.21 -13.91
C LEU A 74 -0.05 -3.55 -13.33
N PRO A 75 0.12 -2.62 -12.41
CA PRO A 75 -1.03 -1.84 -11.94
C PRO A 75 -1.43 -0.81 -12.98
N MET A 76 -2.70 -0.45 -12.95
CA MET A 76 -3.24 0.44 -13.97
C MET A 76 -2.78 1.87 -13.73
N ARG A 77 -2.33 2.53 -14.80
CA ARG A 77 -2.09 3.96 -14.82
C ARG A 77 -3.09 4.62 -15.76
N LYS A 78 -4.37 4.60 -15.35
CA LYS A 78 -5.42 5.17 -16.20
C LYS A 78 -5.10 6.62 -16.56
N GLU A 79 -4.56 7.36 -15.60
CA GLU A 79 -3.98 8.68 -15.78
C GLU A 79 -3.16 8.76 -17.08
N VAL A 80 -2.38 7.72 -17.38
CA VAL A 80 -1.53 7.74 -18.55
C VAL A 80 -2.33 7.45 -19.81
N TYR A 81 -3.03 6.31 -19.83
CA TYR A 81 -3.79 5.91 -21.01
C TYR A 81 -4.81 6.99 -21.39
N GLN A 82 -5.36 7.69 -20.40
CA GLN A 82 -6.30 8.78 -20.69
C GLN A 82 -5.64 9.87 -21.51
N GLN A 83 -4.43 10.29 -21.11
CA GLN A 83 -3.70 11.28 -21.90
C GLN A 83 -3.30 10.69 -23.26
N VAL A 84 -2.93 9.41 -23.28
CA VAL A 84 -2.65 8.76 -24.55
C VAL A 84 -3.92 8.70 -25.40
N SER A 85 -5.05 8.40 -24.77
CA SER A 85 -6.32 8.28 -25.51
C SER A 85 -6.76 9.63 -26.05
N SER A 86 -6.61 10.70 -25.26
CA SER A 86 -7.03 12.03 -25.70
C SER A 86 -6.23 12.48 -26.93
N ARG A 87 -4.94 12.12 -26.98
CA ARG A 87 -4.13 12.49 -28.14
C ARG A 87 -4.60 11.78 -29.40
N ILE A 88 -5.02 10.52 -29.27
CA ILE A 88 -5.48 9.77 -30.43
C ILE A 88 -6.79 10.34 -30.97
N MET A 89 -7.67 10.79 -30.07
CA MET A 89 -8.98 11.27 -30.51
C MET A 89 -8.89 12.63 -31.19
N ASN A 90 -7.93 13.47 -30.80
CA ASN A 90 -7.66 14.68 -31.58
C ASN A 90 -7.23 14.33 -33.00
N LEU A 91 -6.62 13.16 -33.19
CA LEU A 91 -6.27 12.71 -34.53
C LEU A 91 -7.50 12.36 -35.35
N LEU A 92 -8.52 11.79 -34.71
CA LEU A 92 -9.73 11.42 -35.42
C LEU A 92 -10.63 12.62 -35.71
N ARG A 93 -10.59 13.65 -34.85
CA ARG A 93 -11.36 14.86 -35.08
C ARG A 93 -11.01 15.56 -36.39
N GLU A 94 -9.92 15.17 -37.04
CA GLU A 94 -9.55 15.75 -38.32
C GLU A 94 -10.13 14.98 -39.50
N TYR A 95 -10.68 13.79 -39.27
CA TYR A 95 -11.26 13.00 -40.35
C TYR A 95 -12.78 13.10 -40.42
N SER A 96 -13.42 13.73 -39.44
CA SER A 96 -14.83 14.11 -39.53
C SER A 96 -15.18 15.02 -38.36
N GLU A 97 -16.07 15.97 -38.64
CA GLU A 97 -16.53 16.87 -37.59
C GLU A 97 -17.51 16.18 -36.63
N LYS A 98 -18.27 15.20 -37.14
CA LYS A 98 -19.31 14.53 -36.37
C LYS A 98 -18.76 13.20 -35.86
N ILE A 99 -18.34 13.20 -34.61
CA ILE A 99 -17.64 12.06 -34.02
C ILE A 99 -18.18 11.82 -32.61
N GLU A 100 -18.57 10.57 -32.34
CA GLU A 100 -18.97 10.18 -30.99
C GLU A 100 -17.82 9.41 -30.36
N ILE A 101 -17.31 9.91 -29.23
CA ILE A 101 -16.28 9.23 -28.47
C ILE A 101 -16.99 8.35 -27.45
N ALA A 102 -17.12 7.05 -27.77
CA ALA A 102 -17.94 6.15 -26.99
C ALA A 102 -17.31 5.75 -25.65
N SER A 103 -15.99 5.83 -25.52
CA SER A 103 -15.33 5.42 -24.29
C SER A 103 -13.85 5.80 -24.30
N ILE A 104 -13.07 5.17 -23.42
CA ILE A 104 -11.64 5.45 -23.35
C ILE A 104 -10.94 5.02 -24.64
N ASP A 105 -11.49 4.03 -25.36
CA ASP A 105 -10.80 3.45 -26.50
C ASP A 105 -11.68 3.34 -27.75
N GLU A 106 -12.79 4.07 -27.81
CA GLU A 106 -13.76 3.90 -28.88
C GLU A 106 -14.21 5.23 -29.45
N ALA A 107 -14.43 5.25 -30.76
CA ALA A 107 -14.99 6.42 -31.43
C ALA A 107 -15.80 5.96 -32.64
N TYR A 108 -16.91 6.66 -32.88
CA TYR A 108 -17.72 6.50 -34.09
C TYR A 108 -17.52 7.73 -34.96
N LEU A 109 -17.57 7.54 -36.28
CA LEU A 109 -17.35 8.63 -37.21
C LEU A 109 -18.40 8.60 -38.30
N ASP A 110 -19.11 9.73 -38.47
CA ASP A 110 -20.02 9.92 -39.59
C ASP A 110 -19.20 10.37 -40.80
N ILE A 111 -19.02 9.46 -41.74
CA ILE A 111 -18.24 9.75 -42.95
C ILE A 111 -19.14 9.79 -44.18
N SER A 112 -20.45 9.98 -43.98
CA SER A 112 -21.37 10.10 -45.12
C SER A 112 -21.01 11.27 -46.01
N ASP A 113 -20.51 12.36 -45.42
CA ASP A 113 -20.21 13.58 -46.15
C ASP A 113 -18.73 13.75 -46.47
N LYS A 114 -17.95 12.66 -46.43
CA LYS A 114 -16.54 12.69 -46.81
C LYS A 114 -16.11 11.55 -47.73
N VAL A 115 -16.86 10.45 -47.78
CA VAL A 115 -16.70 9.38 -48.76
C VAL A 115 -18.11 9.02 -49.24
N ARG A 116 -18.19 8.32 -50.38
CA ARG A 116 -19.51 8.02 -50.91
C ARG A 116 -19.77 6.54 -51.17
N ASP A 117 -18.75 5.69 -51.26
CA ASP A 117 -19.03 4.25 -51.21
C ASP A 117 -18.12 3.59 -50.18
N TYR A 118 -18.14 2.27 -50.12
CA TYR A 118 -17.40 1.54 -49.10
C TYR A 118 -15.93 1.38 -49.46
N ARG A 119 -15.61 1.32 -50.75
CA ARG A 119 -14.23 1.16 -51.17
C ARG A 119 -13.36 2.29 -50.62
N GLU A 120 -13.83 3.53 -50.75
CA GLU A 120 -13.09 4.67 -50.21
C GLU A 120 -13.21 4.77 -48.69
N ALA A 121 -14.31 4.26 -48.12
CA ALA A 121 -14.43 4.19 -46.67
C ALA A 121 -13.39 3.20 -46.10
N TYR A 122 -13.29 2.02 -46.72
CA TYR A 122 -12.24 1.07 -46.36
C TYR A 122 -10.87 1.72 -46.43
N ASN A 123 -10.60 2.42 -47.54
CA ASN A 123 -9.31 3.06 -47.69
C ASN A 123 -9.09 4.14 -46.63
N LEU A 124 -10.13 4.90 -46.31
CA LEU A 124 -10.02 5.86 -45.21
C LEU A 124 -9.82 5.17 -43.87
N GLY A 125 -10.28 3.92 -43.73
CA GLY A 125 -9.92 3.14 -42.56
C GLY A 125 -8.42 2.91 -42.47
N LEU A 126 -7.82 2.46 -43.58
CA LEU A 126 -6.36 2.33 -43.63
C LEU A 126 -5.67 3.65 -43.39
N GLU A 127 -6.22 4.75 -43.95
CA GLU A 127 -5.70 6.08 -43.69
C GLU A 127 -5.55 6.33 -42.19
N ILE A 128 -6.57 5.93 -41.43
CA ILE A 128 -6.59 6.19 -40.00
C ILE A 128 -5.68 5.20 -39.26
N LYS A 129 -5.75 3.91 -39.61
CA LYS A 129 -4.92 2.92 -38.93
C LYS A 129 -3.44 3.26 -39.02
N ASN A 130 -3.02 3.94 -40.08
CA ASN A 130 -1.60 4.25 -40.21
C ASN A 130 -1.23 5.53 -39.46
N LYS A 131 -2.02 6.60 -39.62
CA LYS A 131 -1.67 7.83 -38.92
C LYS A 131 -1.69 7.65 -37.40
N ILE A 132 -2.44 6.65 -36.92
CA ILE A 132 -2.32 6.27 -35.51
C ILE A 132 -0.98 5.60 -35.27
N LEU A 133 -0.63 4.63 -36.12
CA LEU A 133 0.62 3.90 -35.96
C LEU A 133 1.85 4.78 -36.04
N GLU A 134 1.80 5.92 -36.72
CA GLU A 134 3.00 6.72 -36.88
C GLU A 134 3.16 7.74 -35.76
N LYS A 135 2.07 8.47 -35.52
CA LYS A 135 1.97 9.50 -34.49
C LYS A 135 2.25 8.96 -33.10
N GLU A 136 1.57 7.88 -32.73
CA GLU A 136 1.47 7.42 -31.36
C GLU A 136 1.79 5.94 -31.20
N LYS A 137 1.98 5.22 -32.32
CA LYS A 137 2.48 3.83 -32.36
C LYS A 137 1.48 2.82 -31.80
N ILE A 138 0.19 2.96 -32.13
CA ILE A 138 -0.84 2.05 -31.61
C ILE A 138 -1.57 1.38 -32.77
N THR A 139 -1.79 0.07 -32.65
CA THR A 139 -2.71 -0.62 -33.52
C THR A 139 -4.14 -0.46 -33.03
N VAL A 140 -5.08 -0.38 -33.97
CA VAL A 140 -6.51 -0.28 -33.68
C VAL A 140 -7.25 -1.17 -34.66
N THR A 141 -8.56 -1.29 -34.44
CA THR A 141 -9.43 -2.11 -35.29
C THR A 141 -10.60 -1.27 -35.76
N VAL A 142 -10.94 -1.41 -37.04
CA VAL A 142 -11.90 -0.54 -37.72
C VAL A 142 -13.10 -1.36 -38.18
N GLY A 143 -14.29 -0.94 -37.76
CA GLY A 143 -15.54 -1.48 -38.28
C GLY A 143 -16.22 -0.48 -39.18
N ILE A 144 -16.87 -0.97 -40.23
CA ILE A 144 -17.51 -0.13 -41.24
C ILE A 144 -18.87 -0.70 -41.59
N SER A 145 -19.93 0.11 -41.45
CA SER A 145 -21.25 -0.32 -41.87
C SER A 145 -22.21 0.87 -41.97
N LYS A 146 -23.51 0.60 -41.88
CA LYS A 146 -24.53 1.59 -42.16
C LYS A 146 -25.11 2.26 -40.91
N ASN A 147 -24.88 1.70 -39.72
CA ASN A 147 -25.20 2.41 -38.50
C ASN A 147 -24.27 1.94 -37.39
N LYS A 148 -24.33 2.65 -36.25
CA LYS A 148 -23.37 2.46 -35.18
C LYS A 148 -23.28 1.02 -34.73
N VAL A 149 -24.43 0.34 -34.65
CA VAL A 149 -24.45 -1.02 -34.12
C VAL A 149 -23.66 -1.97 -35.02
N PHE A 150 -23.89 -1.89 -36.32
CA PHE A 150 -23.28 -2.84 -37.24
C PHE A 150 -21.83 -2.52 -37.54
N ALA A 151 -21.42 -1.25 -37.39
CA ALA A 151 -20.00 -0.94 -37.41
C ALA A 151 -19.30 -1.45 -36.15
N LYS A 152 -20.04 -1.64 -35.06
CA LYS A 152 -19.46 -2.19 -33.84
C LYS A 152 -19.25 -3.69 -33.95
N ILE A 153 -20.24 -4.41 -34.49
CA ILE A 153 -20.07 -5.85 -34.73
C ILE A 153 -18.97 -6.08 -35.76
N ALA A 154 -18.92 -5.25 -36.80
CA ALA A 154 -17.85 -5.30 -37.78
C ALA A 154 -16.49 -5.35 -37.11
N ALA A 155 -16.25 -4.44 -36.17
CA ALA A 155 -14.95 -4.34 -35.53
C ALA A 155 -14.67 -5.50 -34.59
N ASP A 156 -15.71 -6.03 -33.93
CA ASP A 156 -15.50 -7.14 -33.01
C ASP A 156 -14.92 -8.36 -33.72
N MET A 157 -15.37 -8.61 -34.95
CA MET A 157 -14.79 -9.72 -35.72
C MET A 157 -13.35 -9.44 -36.12
N ALA A 158 -13.05 -8.20 -36.49
CA ALA A 158 -11.76 -7.86 -37.08
C ALA A 158 -10.63 -7.74 -36.06
N LYS A 159 -10.91 -7.86 -34.77
CA LYS A 159 -9.84 -7.70 -33.77
C LYS A 159 -8.93 -8.93 -33.78
N PRO A 160 -7.60 -8.76 -33.71
CA PRO A 160 -6.90 -7.47 -33.60
C PRO A 160 -6.28 -6.99 -34.91
N ASN A 161 -5.69 -5.78 -34.87
CA ASN A 161 -5.17 -5.05 -36.02
C ASN A 161 -5.86 -5.45 -37.32
N GLY A 162 -7.18 -5.29 -37.37
CA GLY A 162 -7.95 -5.65 -38.54
C GLY A 162 -8.89 -4.54 -38.94
N ILE A 163 -9.28 -4.57 -40.20
CA ILE A 163 -10.25 -3.63 -40.76
C ILE A 163 -11.34 -4.41 -41.46
N LYS A 164 -12.59 -4.04 -41.23
CA LYS A 164 -13.73 -4.79 -41.72
C LYS A 164 -14.79 -3.86 -42.27
N VAL A 165 -15.39 -4.24 -43.39
CA VAL A 165 -16.49 -3.48 -43.98
C VAL A 165 -17.70 -4.41 -44.05
N ILE A 166 -18.81 -3.96 -43.50
CA ILE A 166 -20.06 -4.71 -43.53
C ILE A 166 -20.94 -4.08 -44.58
N ASP A 167 -21.06 -4.75 -45.72
CA ASP A 167 -21.92 -4.25 -46.78
C ASP A 167 -23.37 -4.60 -46.49
N ASP A 168 -24.27 -4.02 -47.30
CA ASP A 168 -25.70 -4.18 -47.08
C ASP A 168 -26.20 -5.61 -47.32
N GLU A 169 -25.51 -6.41 -48.13
CA GLU A 169 -25.96 -7.77 -48.31
C GLU A 169 -25.45 -8.70 -47.22
N GLU A 170 -24.27 -8.44 -46.66
CA GLU A 170 -23.83 -9.17 -45.47
C GLU A 170 -24.51 -8.65 -44.22
N VAL A 171 -24.91 -7.37 -44.21
CA VAL A 171 -25.85 -6.92 -43.19
C VAL A 171 -27.05 -7.84 -43.16
N LYS A 172 -27.71 -8.01 -44.31
CA LYS A 172 -28.81 -8.97 -44.42
C LYS A 172 -28.36 -10.38 -44.07
N ARG A 173 -27.10 -10.73 -44.39
CA ARG A 173 -26.59 -12.05 -43.99
C ARG A 173 -26.52 -12.15 -42.48
N LEU A 174 -25.96 -11.12 -41.82
CA LEU A 174 -25.68 -11.22 -40.39
C LEU A 174 -26.95 -11.23 -39.56
N ILE A 175 -27.94 -10.38 -39.91
CA ILE A 175 -29.24 -10.50 -39.26
C ILE A 175 -29.68 -11.96 -39.24
N ARG A 176 -29.38 -12.69 -40.32
CA ARG A 176 -29.77 -14.09 -40.43
C ARG A 176 -28.86 -15.03 -39.63
N GLU A 177 -27.55 -14.84 -39.66
CA GLU A 177 -26.66 -15.80 -39.03
C GLU A 177 -25.75 -15.21 -37.95
N LEU A 178 -26.15 -14.09 -37.33
CA LEU A 178 -25.45 -13.55 -36.17
C LEU A 178 -26.15 -14.06 -34.91
N ASP A 179 -25.40 -14.76 -34.05
CA ASP A 179 -25.97 -15.24 -32.80
C ASP A 179 -26.27 -14.06 -31.88
N ILE A 180 -27.48 -14.04 -31.33
CA ILE A 180 -28.04 -12.81 -30.78
C ILE A 180 -27.24 -12.25 -29.61
N ALA A 181 -26.65 -13.11 -28.77
CA ALA A 181 -25.86 -12.62 -27.64
C ALA A 181 -24.74 -11.69 -28.07
N ASP A 182 -24.31 -11.76 -29.34
CA ASP A 182 -23.24 -10.94 -29.87
C ASP A 182 -23.72 -9.57 -30.31
N VAL A 183 -25.02 -9.32 -30.34
CA VAL A 183 -25.53 -7.97 -30.60
C VAL A 183 -25.16 -7.06 -29.44
N PRO A 184 -24.60 -5.89 -29.68
CA PRO A 184 -24.24 -5.00 -28.57
C PRO A 184 -25.45 -4.63 -27.75
N GLY A 185 -25.31 -4.71 -26.43
CA GLY A 185 -26.37 -4.32 -25.53
C GLY A 185 -27.18 -5.45 -24.92
N ILE A 186 -26.88 -6.70 -25.23
CA ILE A 186 -27.53 -7.82 -24.54
C ILE A 186 -26.46 -8.75 -23.99
N GLY A 187 -26.34 -8.77 -22.66
CA GLY A 187 -25.48 -9.68 -21.96
C GLY A 187 -26.24 -10.91 -21.52
N ASN A 188 -25.65 -11.66 -20.58
CA ASN A 188 -26.06 -13.04 -20.39
C ASN A 188 -27.43 -13.19 -19.75
N ILE A 189 -27.86 -12.24 -18.92
CA ILE A 189 -29.20 -12.33 -18.33
C ILE A 189 -30.26 -12.11 -19.40
N THR A 190 -30.05 -11.12 -20.28
CA THR A 190 -30.93 -10.96 -21.42
C THR A 190 -30.64 -11.97 -22.52
N ALA A 191 -29.43 -12.55 -22.57
CA ALA A 191 -29.04 -13.36 -23.73
C ALA A 191 -29.88 -14.62 -23.84
N GLU A 192 -30.09 -15.32 -22.73
CA GLU A 192 -30.85 -16.57 -22.76
C GLU A 192 -32.32 -16.38 -22.38
N LYS A 193 -32.67 -15.22 -21.80
CA LYS A 193 -34.08 -14.83 -21.79
C LYS A 193 -34.65 -14.70 -23.21
N LEU A 194 -33.78 -14.74 -24.22
CA LEU A 194 -34.18 -14.89 -25.61
C LEU A 194 -33.91 -16.28 -26.16
N LYS A 195 -32.92 -17.00 -25.63
CA LYS A 195 -32.81 -18.43 -25.91
C LYS A 195 -34.01 -19.18 -25.34
N LYS A 196 -34.49 -18.75 -24.15
CA LYS A 196 -35.61 -19.41 -23.51
C LYS A 196 -36.89 -19.29 -24.31
N LEU A 197 -36.95 -18.33 -25.24
CA LEU A 197 -37.96 -18.24 -26.29
C LEU A 197 -37.34 -18.46 -27.68
N GLY A 198 -36.29 -19.29 -27.76
CA GLY A 198 -35.79 -19.79 -29.03
C GLY A 198 -35.01 -18.80 -29.88
N ILE A 199 -35.07 -17.51 -29.54
CA ILE A 199 -34.37 -16.50 -30.32
C ILE A 199 -32.87 -16.68 -30.16
N ASN A 200 -32.20 -17.04 -31.25
CA ASN A 200 -30.75 -17.13 -31.27
C ASN A 200 -30.12 -16.12 -32.22
N LYS A 201 -30.88 -15.60 -33.18
CA LYS A 201 -30.40 -14.62 -34.14
C LYS A 201 -31.44 -13.52 -34.28
N LEU A 202 -31.06 -12.44 -34.96
CA LEU A 202 -31.93 -11.27 -35.01
C LEU A 202 -33.23 -11.55 -35.75
N VAL A 203 -33.20 -12.39 -36.80
CA VAL A 203 -34.38 -12.62 -37.64
C VAL A 203 -35.57 -13.02 -36.79
N ASP A 204 -35.37 -13.93 -35.85
CA ASP A 204 -36.47 -14.52 -35.10
C ASP A 204 -37.26 -13.48 -34.30
N THR A 205 -36.73 -12.27 -34.14
CA THR A 205 -37.47 -11.21 -33.44
C THR A 205 -38.74 -10.85 -34.17
N LEU A 206 -38.70 -10.84 -35.51
CA LEU A 206 -39.89 -10.54 -36.29
C LEU A 206 -40.91 -11.67 -36.19
N SER A 207 -40.46 -12.91 -36.03
CA SER A 207 -41.32 -14.09 -36.02
C SER A 207 -41.84 -14.44 -34.63
N ILE A 208 -41.85 -13.49 -33.70
CA ILE A 208 -42.37 -13.68 -32.35
C ILE A 208 -43.33 -12.53 -32.06
N GLU A 209 -44.50 -12.85 -31.50
CA GLU A 209 -45.48 -11.82 -31.16
C GLU A 209 -44.84 -10.76 -30.28
N PHE A 210 -45.14 -9.49 -30.59
CA PHE A 210 -44.41 -8.39 -29.97
C PHE A 210 -44.68 -8.31 -28.47
N ASP A 211 -45.93 -8.51 -28.05
CA ASP A 211 -46.28 -8.30 -26.65
C ASP A 211 -45.57 -9.30 -25.74
N LYS A 212 -45.43 -10.55 -26.18
CA LYS A 212 -44.67 -11.51 -25.39
C LYS A 212 -43.20 -11.14 -25.32
N LEU A 213 -42.66 -10.57 -26.39
CA LEU A 213 -41.28 -10.11 -26.36
C LEU A 213 -41.12 -8.89 -25.47
N LYS A 214 -42.03 -7.92 -25.58
CA LYS A 214 -41.94 -6.73 -24.75
C LYS A 214 -42.13 -7.07 -23.28
N GLY A 215 -43.07 -7.97 -22.97
CA GLY A 215 -43.43 -8.25 -21.59
C GLY A 215 -42.30 -8.79 -20.74
N MET A 216 -41.20 -9.22 -21.36
CA MET A 216 -40.10 -9.82 -20.62
C MET A 216 -38.83 -8.99 -20.63
N ILE A 217 -38.36 -8.53 -21.81
CA ILE A 217 -37.15 -7.72 -21.85
C ILE A 217 -37.42 -6.23 -21.77
N GLY A 218 -38.68 -5.82 -21.72
CA GLY A 218 -39.01 -4.41 -21.71
C GLY A 218 -39.19 -3.84 -23.10
N GLU A 219 -39.80 -2.65 -23.14
CA GLU A 219 -40.18 -2.06 -24.43
C GLU A 219 -38.95 -1.60 -25.21
N ALA A 220 -38.00 -0.93 -24.56
CA ALA A 220 -36.90 -0.31 -25.29
C ALA A 220 -36.02 -1.36 -25.97
N LYS A 221 -35.69 -2.44 -25.26
CA LYS A 221 -34.90 -3.49 -25.88
C LYS A 221 -35.67 -4.16 -27.01
N ALA A 222 -37.00 -4.22 -26.91
CA ALA A 222 -37.81 -4.84 -27.95
C ALA A 222 -37.71 -4.06 -29.26
N LYS A 223 -38.06 -2.77 -29.23
CA LYS A 223 -37.92 -1.95 -30.44
C LYS A 223 -36.49 -1.99 -30.95
N TYR A 224 -35.51 -1.99 -30.04
CA TYR A 224 -34.11 -2.04 -30.42
C TYR A 224 -33.81 -3.27 -31.29
N LEU A 225 -34.21 -4.45 -30.81
CA LEU A 225 -33.96 -5.68 -31.56
C LEU A 225 -34.76 -5.72 -32.85
N ILE A 226 -36.05 -5.35 -32.79
CA ILE A 226 -36.91 -5.43 -33.96
C ILE A 226 -36.41 -4.49 -35.04
N SER A 227 -36.14 -3.23 -34.68
CA SER A 227 -35.66 -2.27 -35.67
C SER A 227 -34.33 -2.72 -36.26
N LEU A 228 -33.49 -3.36 -35.45
CA LEU A 228 -32.26 -3.96 -35.98
C LEU A 228 -32.57 -5.09 -36.95
N ALA A 229 -33.63 -5.86 -36.69
CA ALA A 229 -33.99 -6.97 -37.56
C ALA A 229 -34.65 -6.54 -38.85
N ARG A 230 -35.18 -5.31 -38.91
CA ARG A 230 -35.84 -4.81 -40.11
C ARG A 230 -34.91 -4.00 -41.01
N ASP A 231 -33.62 -3.91 -40.67
CA ASP A 231 -32.70 -3.00 -41.34
C ASP A 231 -33.24 -1.57 -41.30
N GLU A 232 -33.71 -1.18 -40.11
CA GLU A 232 -34.31 0.12 -39.90
C GLU A 232 -33.80 0.76 -38.62
N TYR A 233 -32.60 0.41 -38.18
CA TYR A 233 -32.01 1.01 -36.99
C TYR A 233 -31.31 2.31 -37.38
N ASN A 234 -31.74 3.45 -36.81
CA ASN A 234 -31.06 4.71 -37.03
C ASN A 234 -30.98 5.50 -35.73
N GLU A 235 -29.75 5.67 -35.22
CA GLU A 235 -29.55 6.65 -34.20
C GLU A 235 -28.26 7.40 -34.52
N PRO A 236 -28.22 8.73 -34.36
CA PRO A 236 -27.13 9.50 -34.96
C PRO A 236 -25.85 9.49 -34.12
N ILE A 237 -24.76 9.85 -34.78
CA ILE A 237 -23.51 10.09 -34.08
C ILE A 237 -23.64 11.44 -33.37
N ARG A 238 -23.64 11.40 -32.04
CA ARG A 238 -23.84 12.59 -31.24
C ARG A 238 -22.62 12.83 -30.37
N THR A 239 -22.19 14.09 -30.28
CA THR A 239 -21.19 14.45 -29.29
C THR A 239 -21.67 14.03 -27.91
N ARG A 240 -20.85 13.26 -27.22
CA ARG A 240 -21.22 12.74 -25.92
C ARG A 240 -20.93 13.79 -24.84
N VAL A 241 -21.87 13.94 -23.93
CA VAL A 241 -21.73 14.86 -22.80
C VAL A 241 -21.74 14.03 -21.54
N ARG A 242 -20.69 14.15 -20.73
CA ARG A 242 -20.64 13.46 -19.46
C ARG A 242 -21.84 13.86 -18.61
N LYS A 243 -22.59 12.87 -18.17
CA LYS A 243 -23.75 13.10 -17.31
C LYS A 243 -23.49 12.75 -15.85
N SER A 244 -22.40 12.06 -15.58
CA SER A 244 -22.14 11.48 -14.28
C SER A 244 -20.65 11.55 -13.98
N ILE A 245 -20.32 11.85 -12.73
CA ILE A 245 -18.94 11.87 -12.24
C ILE A 245 -18.96 11.24 -10.86
N GLY A 246 -17.98 10.38 -10.60
CA GLY A 246 -17.98 9.68 -9.33
C GLY A 246 -16.68 8.94 -9.09
N ARG A 247 -16.55 8.45 -7.87
CA ARG A 247 -15.42 7.66 -7.43
C ARG A 247 -15.93 6.71 -6.36
N ILE A 248 -15.36 5.51 -6.32
CA ILE A 248 -15.77 4.50 -5.35
C ILE A 248 -14.55 3.66 -4.99
N VAL A 249 -14.35 3.42 -3.70
CA VAL A 249 -13.14 2.80 -3.18
C VAL A 249 -13.49 1.56 -2.39
N THR A 250 -12.64 0.54 -2.47
CA THR A 250 -12.77 -0.64 -1.63
C THR A 250 -12.16 -0.37 -0.27
N MET A 251 -12.89 -0.70 0.78
CA MET A 251 -12.37 -0.60 2.14
C MET A 251 -11.60 -1.87 2.50
N LYS A 252 -10.74 -1.75 3.51
CA LYS A 252 -9.85 -2.85 3.89
C LYS A 252 -10.63 -3.97 4.59
N ARG A 253 -11.73 -3.63 5.26
CA ARG A 253 -12.63 -4.59 5.85
C ARG A 253 -14.06 -4.17 5.57
N ASN A 254 -14.96 -5.15 5.56
CA ASN A 254 -16.38 -4.86 5.50
C ASN A 254 -16.85 -4.27 6.83
N SER A 255 -17.75 -3.29 6.77
CA SER A 255 -18.15 -2.61 7.99
C SER A 255 -19.54 -2.03 7.83
N ARG A 256 -20.30 -2.07 8.93
CA ARG A 256 -21.57 -1.38 9.05
C ARG A 256 -21.49 -0.20 10.01
N ASN A 257 -20.26 0.21 10.38
CA ASN A 257 -20.04 1.21 11.42
C ASN A 257 -19.78 2.57 10.75
N LEU A 258 -20.75 3.47 10.88
CA LEU A 258 -20.76 4.76 10.21
C LEU A 258 -19.42 5.51 10.20
N GLU A 259 -18.66 5.44 11.30
CA GLU A 259 -17.49 6.33 11.42
C GLU A 259 -16.20 5.71 10.89
N GLU A 260 -16.12 4.37 10.75
CA GLU A 260 -14.99 3.79 10.03
C GLU A 260 -15.18 3.91 8.51
N ILE A 261 -16.43 3.89 8.05
CA ILE A 261 -16.67 4.09 6.61
C ILE A 261 -16.44 5.54 6.22
N LYS A 262 -16.77 6.47 7.11
CA LYS A 262 -16.68 7.92 6.84
C LYS A 262 -15.43 8.37 6.10
N PRO A 263 -14.21 8.02 6.52
CA PRO A 263 -13.03 8.54 5.79
C PRO A 263 -13.00 8.17 4.32
N TYR A 264 -13.34 6.92 3.98
CA TYR A 264 -13.41 6.52 2.57
C TYR A 264 -14.41 7.39 1.82
N LEU A 265 -15.66 7.44 2.32
CA LEU A 265 -16.68 8.26 1.71
C LEU A 265 -16.22 9.70 1.54
N PHE A 266 -15.56 10.24 2.57
CA PHE A 266 -15.00 11.59 2.47
C PHE A 266 -13.93 11.64 1.39
N ARG A 267 -13.02 10.66 1.39
CA ARG A 267 -11.99 10.61 0.35
C ARG A 267 -12.62 10.51 -1.03
N ALA A 268 -13.72 9.76 -1.16
CA ALA A 268 -14.39 9.66 -2.45
C ALA A 268 -15.01 10.99 -2.87
N ILE A 269 -15.46 11.80 -1.91
CA ILE A 269 -16.08 13.08 -2.25
C ILE A 269 -15.03 14.07 -2.75
N GLU A 270 -13.89 14.14 -2.04
CA GLU A 270 -12.80 15.02 -2.46
C GLU A 270 -12.36 14.71 -3.88
N GLU A 271 -12.11 13.43 -4.18
CA GLU A 271 -11.64 13.05 -5.50
C GLU A 271 -12.70 13.34 -6.56
N SER A 272 -13.97 13.09 -6.24
CA SER A 272 -15.03 13.34 -7.21
C SER A 272 -15.12 14.82 -7.55
N TYR A 273 -14.85 15.70 -6.57
CA TYR A 273 -14.95 17.13 -6.84
C TYR A 273 -13.80 17.62 -7.71
N TYR A 274 -12.61 17.02 -7.57
CA TYR A 274 -11.54 17.34 -8.49
C TYR A 274 -11.94 17.04 -9.93
N LYS A 275 -12.49 15.84 -10.16
CA LYS A 275 -12.89 15.43 -11.49
C LYS A 275 -14.06 16.25 -12.03
N LEU A 276 -14.78 16.95 -11.15
CA LEU A 276 -15.93 17.74 -11.59
C LEU A 276 -15.51 18.85 -12.56
N ASP A 277 -14.39 19.52 -12.26
CA ASP A 277 -13.75 20.44 -13.20
C ASP A 277 -14.72 21.53 -13.66
N LYS A 278 -15.05 22.40 -12.71
CA LYS A 278 -15.86 23.61 -12.89
C LYS A 278 -17.29 23.32 -13.34
N ARG A 279 -17.70 22.06 -13.44
CA ARG A 279 -19.09 21.72 -13.64
C ARG A 279 -19.76 21.51 -12.28
N ILE A 280 -20.82 22.25 -12.03
CA ILE A 280 -21.50 22.25 -10.73
C ILE A 280 -22.66 21.31 -10.79
N PRO A 281 -22.78 20.34 -9.88
CA PRO A 281 -23.87 19.36 -9.95
C PRO A 281 -25.06 19.70 -9.09
N LYS A 282 -26.22 19.12 -9.41
CA LYS A 282 -27.42 19.26 -8.58
C LYS A 282 -27.82 18.00 -7.86
N ALA A 283 -27.35 16.83 -8.31
CA ALA A 283 -27.72 15.55 -7.71
C ALA A 283 -26.49 14.82 -7.21
N ILE A 284 -26.63 14.16 -6.06
CA ILE A 284 -25.56 13.36 -5.48
C ILE A 284 -26.14 11.99 -5.11
N HIS A 285 -25.40 10.94 -5.43
CA HIS A 285 -25.80 9.58 -5.08
C HIS A 285 -24.68 8.92 -4.29
N VAL A 286 -24.97 8.57 -3.05
CA VAL A 286 -24.08 7.71 -2.28
C VAL A 286 -24.39 6.27 -2.68
N VAL A 287 -23.39 5.58 -3.21
CA VAL A 287 -23.57 4.23 -3.72
C VAL A 287 -22.61 3.30 -3.01
N ALA A 288 -23.13 2.18 -2.51
CA ALA A 288 -22.35 1.20 -1.78
C ALA A 288 -22.46 -0.16 -2.47
N VAL A 289 -21.36 -0.90 -2.48
CA VAL A 289 -21.34 -2.30 -2.88
C VAL A 289 -21.34 -3.15 -1.62
N THR A 290 -22.21 -4.14 -1.57
CA THR A 290 -22.42 -4.92 -0.36
C THR A 290 -21.38 -6.03 -0.26
N GLU A 291 -21.54 -6.87 0.77
CA GLU A 291 -20.68 -8.04 0.90
C GLU A 291 -20.99 -9.09 -0.16
N ASP A 292 -22.28 -9.31 -0.44
CA ASP A 292 -22.67 -10.22 -1.51
C ASP A 292 -22.55 -9.58 -2.90
N LEU A 293 -22.15 -8.30 -2.95
CA LEU A 293 -21.85 -7.54 -4.17
C LEU A 293 -23.09 -6.99 -4.87
N ASP A 294 -24.21 -6.88 -4.17
CA ASP A 294 -25.31 -6.05 -4.67
C ASP A 294 -24.90 -4.59 -4.64
N ILE A 295 -25.69 -3.74 -5.30
CA ILE A 295 -25.40 -2.32 -5.40
C ILE A 295 -26.59 -1.55 -4.84
N VAL A 296 -26.40 -0.91 -3.70
CA VAL A 296 -27.41 -0.06 -3.07
C VAL A 296 -27.06 1.39 -3.34
N SER A 297 -28.10 2.24 -3.44
CA SER A 297 -27.90 3.65 -3.70
C SER A 297 -29.01 4.45 -3.04
N ARG A 298 -28.67 5.66 -2.62
CA ARG A 298 -29.63 6.68 -2.22
C ARG A 298 -29.20 8.00 -2.82
N GLY A 299 -30.16 8.80 -3.26
CA GLY A 299 -29.87 10.03 -3.96
C GLY A 299 -30.61 11.22 -3.35
N ARG A 300 -30.32 12.39 -3.91
CA ARG A 300 -31.03 13.62 -3.57
C ARG A 300 -30.71 14.68 -4.61
N THR A 301 -31.73 15.42 -5.03
CA THR A 301 -31.57 16.52 -5.96
C THR A 301 -31.85 17.85 -5.26
N PHE A 302 -31.29 18.92 -5.81
CA PHE A 302 -31.41 20.25 -5.24
C PHE A 302 -31.82 21.24 -6.31
N PRO A 303 -32.57 22.27 -5.95
CA PRO A 303 -32.82 23.39 -6.87
C PRO A 303 -31.60 24.26 -7.14
N HIS A 304 -30.46 23.94 -6.54
CA HIS A 304 -29.23 24.69 -6.75
C HIS A 304 -28.08 23.69 -6.87
N GLY A 305 -26.90 24.22 -7.19
CA GLY A 305 -25.71 23.40 -7.16
C GLY A 305 -25.39 22.90 -5.76
N ILE A 306 -24.43 21.98 -5.69
CA ILE A 306 -23.97 21.41 -4.44
C ILE A 306 -22.57 21.98 -4.31
N SER A 307 -22.22 22.39 -3.09
CA SER A 307 -20.84 22.71 -2.74
C SER A 307 -20.20 21.53 -2.02
N LYS A 308 -18.87 21.53 -2.01
CA LYS A 308 -18.13 20.42 -1.41
C LYS A 308 -18.54 20.20 0.04
N GLU A 309 -18.77 21.28 0.78
CA GLU A 309 -19.15 21.18 2.18
C GLU A 309 -20.60 20.74 2.34
N THR A 310 -21.47 21.15 1.40
CA THR A 310 -22.82 20.61 1.38
C THR A 310 -22.82 19.14 0.97
N ALA A 311 -21.94 18.77 0.03
CA ALA A 311 -21.84 17.38 -0.39
C ALA A 311 -21.42 16.49 0.77
N TYR A 312 -20.38 16.89 1.50
CA TYR A 312 -19.98 16.21 2.72
C TYR A 312 -21.17 15.95 3.65
N SER A 313 -21.99 16.99 3.85
CA SER A 313 -23.06 16.92 4.84
C SER A 313 -24.10 15.88 4.45
N GLU A 314 -24.70 16.06 3.27
CA GLU A 314 -25.80 15.18 2.87
C GLU A 314 -25.32 13.76 2.63
N SER A 315 -24.12 13.59 2.06
CA SER A 315 -23.58 12.25 1.81
C SER A 315 -23.70 11.34 3.03
N VAL A 316 -23.38 11.88 4.21
CA VAL A 316 -23.49 11.09 5.45
C VAL A 316 -24.95 10.72 5.70
N LYS A 317 -25.87 11.66 5.44
CA LYS A 317 -27.29 11.37 5.61
C LYS A 317 -27.74 10.29 4.65
N LEU A 318 -27.31 10.36 3.38
CA LEU A 318 -27.67 9.31 2.43
C LEU A 318 -27.00 7.99 2.80
N LEU A 319 -25.72 8.04 3.17
CA LEU A 319 -25.06 6.84 3.68
C LEU A 319 -25.78 6.30 4.89
N GLN A 320 -26.17 7.19 5.81
CA GLN A 320 -27.00 6.78 6.94
C GLN A 320 -28.23 6.03 6.47
N LYS A 321 -29.02 6.65 5.59
CA LYS A 321 -30.23 6.03 5.06
C LYS A 321 -29.97 4.62 4.52
N ILE A 322 -28.80 4.40 3.91
CA ILE A 322 -28.52 3.11 3.30
C ILE A 322 -28.59 2.00 4.36
N LEU A 323 -27.88 2.17 5.47
CA LEU A 323 -27.79 1.11 6.48
C LEU A 323 -29.01 1.08 7.39
N GLU A 324 -29.80 2.18 7.44
CA GLU A 324 -31.12 2.14 8.10
C GLU A 324 -32.05 1.18 7.38
N GLU A 325 -32.04 1.20 6.05
CA GLU A 325 -33.00 0.49 5.21
C GLU A 325 -32.38 -0.73 4.52
N ASP A 326 -31.13 -1.06 4.86
CA ASP A 326 -30.50 -2.30 4.44
C ASP A 326 -29.42 -2.64 5.46
N GLU A 327 -29.32 -3.92 5.82
CA GLU A 327 -28.53 -4.33 6.96
C GLU A 327 -27.46 -5.38 6.62
N ARG A 328 -27.07 -5.46 5.35
CA ARG A 328 -25.84 -6.16 4.99
C ARG A 328 -24.62 -5.33 5.40
N LYS A 329 -23.44 -5.85 5.11
CA LYS A 329 -22.18 -5.14 5.35
C LYS A 329 -21.67 -4.56 4.05
N ILE A 330 -21.07 -3.37 4.13
CA ILE A 330 -20.59 -2.65 2.97
C ILE A 330 -19.13 -3.02 2.71
N ARG A 331 -18.75 -3.07 1.44
CA ARG A 331 -17.40 -3.39 1.01
C ARG A 331 -16.72 -2.26 0.26
N ARG A 332 -17.43 -1.60 -0.65
CA ARG A 332 -16.92 -0.47 -1.39
C ARG A 332 -17.92 0.67 -1.25
N ILE A 333 -17.43 1.86 -0.89
CA ILE A 333 -18.29 3.02 -0.73
C ILE A 333 -17.85 4.09 -1.71
N GLY A 334 -18.80 4.89 -2.17
CA GLY A 334 -18.49 5.90 -3.16
C GLY A 334 -19.66 6.81 -3.42
N VAL A 335 -19.42 7.80 -4.29
CA VAL A 335 -20.41 8.82 -4.60
C VAL A 335 -20.47 9.02 -6.11
N ARG A 336 -21.62 9.50 -6.58
CA ARG A 336 -21.80 9.88 -7.96
C ARG A 336 -22.56 11.20 -8.01
N PHE A 337 -22.13 12.10 -8.87
CA PHE A 337 -22.73 13.42 -9.00
C PHE A 337 -23.36 13.55 -10.38
N SER A 338 -24.66 13.88 -10.40
CA SER A 338 -25.45 14.01 -11.63
C SER A 338 -25.98 15.44 -11.73
N LYS A 339 -26.67 15.71 -12.84
CA LYS A 339 -27.47 16.92 -13.01
C LYS A 339 -26.61 18.18 -12.88
N PHE A 340 -25.83 18.42 -13.93
CA PHE A 340 -24.93 19.56 -13.93
C PHE A 340 -25.62 20.80 -14.49
N ILE A 341 -25.02 21.97 -14.26
CA ILE A 341 -25.60 23.22 -14.73
C ILE A 341 -24.90 23.69 -16.00
P A38 C 5 14.02 1.70 3.39
O1P A38 C 5 14.98 2.81 3.27
O2P A38 C 5 13.28 1.22 2.22
O5' A38 C 5 13.78 1.02 4.84
C5' A38 C 5 13.53 1.90 5.90
C4' A38 C 5 12.33 1.39 6.65
O4' A38 C 5 12.76 0.17 7.52
C3' A38 C 5 11.94 2.32 7.49
O3' A38 C 5 10.52 2.19 7.78
C2' A38 C 5 12.81 2.05 8.84
C1' A38 C 5 12.86 0.74 8.95
N9 A38 C 5 14.16 0.34 9.59
C8 A38 C 5 15.47 0.55 9.10
N7 A38 C 5 16.40 0.01 10.04
C5 A38 C 5 15.60 -0.57 11.16
C6 A38 C 5 15.94 -1.24 12.36
N6 A38 C 5 17.32 -1.48 12.71
N1 A38 C 5 14.94 -1.63 13.17
C2 A38 C 5 13.67 -1.42 12.87
N3 A38 C 5 13.32 -0.79 11.74
C4 A38 C 5 14.26 -0.37 10.89
O A38 C 5 15.76 1.09 8.08
N MET D 1 25.84 -5.67 45.32
CA MET D 1 24.64 -5.49 44.51
C MET D 1 24.43 -6.65 43.56
N ILE D 2 23.17 -7.06 43.40
CA ILE D 2 22.78 -8.15 42.51
C ILE D 2 21.82 -7.57 41.49
N VAL D 3 22.28 -7.43 40.25
CA VAL D 3 21.42 -7.00 39.14
C VAL D 3 20.92 -8.24 38.41
N LEU D 4 19.61 -8.30 38.18
CA LEU D 4 18.98 -9.35 37.38
C LEU D 4 18.47 -8.72 36.10
N PHE D 5 19.14 -9.02 34.99
CA PHE D 5 18.76 -8.54 33.67
C PHE D 5 17.88 -9.58 32.98
N VAL D 6 16.92 -9.10 32.20
CA VAL D 6 16.03 -9.98 31.45
C VAL D 6 15.87 -9.42 30.04
N ASP D 7 15.99 -10.29 29.04
CA ASP D 7 15.80 -9.92 27.65
C ASP D 7 14.98 -11.01 26.97
N PHE D 8 13.86 -10.62 26.35
CA PHE D 8 13.04 -11.60 25.64
C PHE D 8 13.80 -12.13 24.42
N ASP D 9 13.49 -13.38 24.06
CA ASP D 9 14.14 -14.04 22.94
C ASP D 9 13.42 -13.70 21.64
N TYR D 10 14.18 -13.27 20.63
CA TYR D 10 13.66 -12.83 19.32
C TYR D 10 12.24 -12.30 19.43
N PHE D 11 12.07 -11.17 20.13
CA PHE D 11 10.79 -10.84 20.74
C PHE D 11 9.66 -10.73 19.71
N TYR D 12 9.83 -9.87 18.70
CA TYR D 12 8.76 -9.66 17.72
C TYR D 12 8.33 -10.97 17.08
N ALA D 13 9.29 -11.80 16.68
CA ALA D 13 8.96 -13.04 15.97
C ALA D 13 8.17 -13.99 16.87
N GLN D 14 8.64 -14.19 18.10
CA GLN D 14 8.00 -15.14 18.99
C GLN D 14 6.56 -14.76 19.29
N VAL D 15 6.30 -13.46 19.43
CA VAL D 15 4.93 -13.00 19.65
C VAL D 15 4.04 -13.48 18.51
N GLU D 16 4.50 -13.28 17.27
CA GLU D 16 3.74 -13.75 16.11
C GLU D 16 3.47 -15.24 16.18
N GLU D 17 4.38 -16.00 16.80
CA GLU D 17 4.15 -17.43 16.95
C GLU D 17 3.10 -17.72 18.02
N VAL D 18 3.26 -17.13 19.21
CA VAL D 18 2.24 -17.37 20.24
C VAL D 18 0.88 -16.87 19.78
N LEU D 19 0.85 -15.89 18.88
CA LEU D 19 -0.44 -15.44 18.34
C LEU D 19 -0.92 -16.31 17.18
N ASN D 20 0.00 -16.92 16.41
CA ASN D 20 -0.34 -17.92 15.39
C ASN D 20 0.60 -19.10 15.54
N PRO D 21 0.22 -20.11 16.36
CA PRO D 21 1.19 -21.18 16.66
C PRO D 21 1.60 -22.03 15.46
N SER D 22 0.97 -21.85 14.29
CA SER D 22 1.36 -22.62 13.10
C SER D 22 2.73 -22.22 12.59
N LEU D 23 3.12 -20.95 12.75
CA LEU D 23 4.44 -20.48 12.37
C LEU D 23 5.57 -21.22 13.06
N LYS D 24 5.24 -22.03 14.07
CA LYS D 24 6.21 -22.71 14.90
C LYS D 24 7.19 -23.56 14.08
N GLY D 25 8.48 -23.42 14.38
CA GLY D 25 9.52 -24.27 13.83
C GLY D 25 10.16 -23.79 12.56
N LYS D 26 9.39 -23.10 11.71
CA LYS D 26 9.88 -22.56 10.46
C LYS D 26 10.67 -21.28 10.71
N PRO D 27 11.48 -20.84 9.73
CA PRO D 27 12.25 -19.59 9.92
C PRO D 27 11.40 -18.35 9.67
N VAL D 28 11.12 -17.61 10.74
CA VAL D 28 10.22 -16.45 10.70
C VAL D 28 11.05 -15.17 10.61
N VAL D 29 10.48 -14.17 9.94
CA VAL D 29 11.15 -12.89 9.72
C VAL D 29 10.09 -11.79 9.81
N VAL D 30 10.20 -10.93 10.82
CA VAL D 30 9.32 -9.77 10.95
C VAL D 30 9.96 -8.59 10.24
N CYS D 31 9.16 -7.89 9.43
CA CYS D 31 9.70 -6.91 8.49
C CYS D 31 9.08 -5.53 8.69
N VAL D 32 9.90 -4.52 8.40
CA VAL D 32 9.43 -3.14 8.30
C VAL D 32 9.46 -2.72 6.84
N PHE D 33 8.33 -2.85 6.16
CA PHE D 33 8.23 -2.41 4.77
C PHE D 33 8.07 -0.89 4.73
N SER D 34 9.05 -0.20 4.13
CA SER D 34 8.93 1.25 4.02
C SER D 34 7.87 1.64 2.99
N GLY D 35 7.87 0.98 1.84
CA GLY D 35 6.84 1.17 0.82
C GLY D 35 7.36 1.68 -0.52
N ARG D 36 8.62 2.10 -0.63
CA ARG D 36 9.09 2.77 -1.83
C ARG D 36 8.88 1.89 -3.07
N PHE D 37 9.62 0.79 -3.16
CA PHE D 37 9.27 -0.30 -4.05
C PHE D 37 8.96 -1.51 -3.19
N GLU D 38 8.40 -2.56 -3.80
CA GLU D 38 7.88 -3.65 -2.98
C GLU D 38 9.02 -4.55 -2.51
N ASP D 39 9.08 -4.76 -1.19
CA ASP D 39 10.07 -5.48 -0.38
C ASP D 39 11.18 -4.53 0.07
N SER D 40 11.14 -3.25 -0.31
CA SER D 40 12.04 -2.28 0.28
C SER D 40 11.77 -2.18 1.78
N GLY D 41 12.81 -2.32 2.58
CA GLY D 41 12.64 -2.24 4.02
C GLY D 41 13.85 -2.80 4.74
N ALA D 42 13.64 -3.16 6.01
CA ALA D 42 14.69 -3.70 6.86
C ALA D 42 14.11 -4.82 7.72
N VAL D 43 15.00 -5.62 8.29
CA VAL D 43 14.59 -6.73 9.14
C VAL D 43 14.58 -6.24 10.59
N ALA D 44 13.38 -6.24 11.20
CA ALA D 44 13.28 -5.92 12.62
C ALA D 44 13.93 -7.01 13.46
N THR D 45 13.43 -8.24 13.33
CA THR D 45 14.05 -9.38 13.96
C THR D 45 13.64 -10.63 13.19
N ALA D 46 14.37 -11.71 13.44
CA ALA D 46 14.02 -13.02 12.93
C ALA D 46 14.26 -14.05 14.02
N ASN D 47 13.54 -15.16 13.95
CA ASN D 47 13.73 -16.22 14.92
C ASN D 47 15.07 -16.91 14.69
N TYR D 48 15.39 -17.88 15.54
CA TYR D 48 16.75 -18.41 15.58
C TYR D 48 17.00 -19.47 14.50
N GLU D 49 15.96 -20.17 14.05
CA GLU D 49 16.09 -20.95 12.83
C GLU D 49 16.56 -20.06 11.69
N ALA D 50 15.78 -19.02 11.41
CA ALA D 50 16.13 -18.06 10.38
C ALA D 50 17.46 -17.38 10.66
N ARG D 51 17.71 -17.03 11.93
CA ARG D 51 18.97 -16.37 12.28
C ARG D 51 20.17 -17.26 11.97
N LYS D 52 19.98 -18.59 11.97
CA LYS D 52 21.07 -19.49 11.63
C LYS D 52 21.48 -19.35 10.16
N PHE D 53 20.63 -18.75 9.32
CA PHE D 53 20.79 -18.82 7.87
C PHE D 53 21.00 -17.47 7.19
N GLY D 54 20.83 -16.37 7.87
CA GLY D 54 21.07 -15.13 7.17
C GLY D 54 20.71 -13.92 7.98
N VAL D 55 19.54 -14.04 8.58
CA VAL D 55 18.62 -12.95 8.77
C VAL D 55 18.70 -12.51 10.23
N LYS D 56 19.08 -11.26 10.42
CA LYS D 56 19.24 -10.65 11.72
C LYS D 56 18.80 -9.21 11.56
N ALA D 57 18.81 -8.45 12.66
CA ALA D 57 18.37 -7.07 12.60
C ALA D 57 19.28 -6.23 11.73
N GLY D 58 18.69 -5.26 11.02
CA GLY D 58 19.43 -4.30 10.24
C GLY D 58 19.66 -4.69 8.79
N ILE D 59 19.48 -5.96 8.43
CA ILE D 59 19.60 -6.37 7.04
C ILE D 59 18.43 -5.78 6.27
N PRO D 60 18.59 -5.40 5.01
CA PRO D 60 17.43 -5.08 4.19
C PRO D 60 16.71 -6.35 3.75
N ILE D 61 15.43 -6.18 3.39
CA ILE D 61 14.56 -7.35 3.23
C ILE D 61 14.89 -8.12 1.95
N VAL D 62 15.28 -7.44 0.87
CA VAL D 62 15.52 -8.20 -0.36
C VAL D 62 16.83 -8.99 -0.25
N GLU D 63 17.72 -8.62 0.68
CA GLU D 63 18.83 -9.51 1.04
C GLU D 63 18.36 -10.68 1.89
N ALA D 64 17.18 -10.58 2.49
CA ALA D 64 16.66 -11.68 3.30
C ALA D 64 16.01 -12.75 2.44
N LYS D 65 15.20 -12.35 1.46
CA LYS D 65 14.49 -13.35 0.65
C LYS D 65 15.42 -14.08 -0.30
N LYS D 66 16.50 -13.44 -0.74
CA LYS D 66 17.53 -14.16 -1.49
C LYS D 66 18.07 -15.33 -0.69
N ILE D 67 18.03 -15.24 0.62
CA ILE D 67 18.56 -16.32 1.46
C ILE D 67 17.48 -17.34 1.80
N LEU D 68 16.25 -16.92 2.09
CA LEU D 68 15.16 -17.85 2.42
C LEU D 68 13.87 -17.40 1.73
N PRO D 69 13.67 -17.80 0.46
CA PRO D 69 12.44 -17.37 -0.23
C PRO D 69 11.17 -17.98 0.36
N ASN D 70 11.23 -19.18 0.93
CA ASN D 70 10.04 -19.77 1.52
C ASN D 70 9.98 -19.58 3.03
N ALA D 71 10.79 -18.67 3.58
CA ALA D 71 10.59 -18.25 4.96
C ALA D 71 9.34 -17.40 5.07
N VAL D 72 8.77 -17.34 6.28
CA VAL D 72 7.60 -16.52 6.50
C VAL D 72 8.04 -15.08 6.74
N TYR D 73 7.47 -14.15 5.97
CA TYR D 73 7.80 -12.73 6.06
C TYR D 73 6.55 -11.98 6.50
N LEU D 74 6.43 -11.79 7.76
CA LEU D 74 5.30 -11.02 8.22
C LEU D 74 5.68 -9.55 8.38
N PRO D 75 4.73 -8.65 8.15
CA PRO D 75 4.96 -7.24 8.49
C PRO D 75 4.86 -7.03 9.99
N MET D 76 5.55 -5.99 10.44
CA MET D 76 5.66 -5.71 11.86
C MET D 76 4.38 -5.05 12.39
N ARG D 77 3.95 -5.47 13.58
CA ARG D 77 2.78 -4.90 14.26
C ARG D 77 3.18 -4.49 15.68
N LYS D 78 3.95 -3.40 15.78
CA LYS D 78 4.49 -2.99 17.08
C LYS D 78 3.38 -2.71 18.09
N GLU D 79 2.23 -2.24 17.60
CA GLU D 79 1.08 -2.03 18.47
C GLU D 79 0.75 -3.28 19.28
N VAL D 80 0.88 -4.46 18.67
CA VAL D 80 0.59 -5.70 19.37
C VAL D 80 1.70 -6.03 20.36
N TYR D 81 2.95 -6.06 19.89
CA TYR D 81 4.07 -6.41 20.77
C TYR D 81 4.14 -5.48 21.97
N GLN D 82 3.86 -4.19 21.77
CA GLN D 82 3.99 -3.21 22.84
C GLN D 82 3.07 -3.52 24.00
N GLN D 83 1.80 -3.86 23.71
CA GLN D 83 0.91 -4.26 24.80
C GLN D 83 1.19 -5.67 25.30
N VAL D 84 1.64 -6.57 24.43
CA VAL D 84 2.18 -7.84 24.91
C VAL D 84 3.35 -7.57 25.84
N SER D 85 4.23 -6.65 25.44
CA SER D 85 5.37 -6.30 26.29
C SER D 85 4.92 -5.59 27.55
N SER D 86 3.92 -4.69 27.43
CA SER D 86 3.37 -4.00 28.59
C SER D 86 2.99 -4.97 29.71
N ARG D 87 2.29 -6.05 29.34
CA ARG D 87 1.82 -7.00 30.35
C ARG D 87 2.96 -7.78 30.96
N ILE D 88 4.06 -7.98 30.23
CA ILE D 88 5.20 -8.66 30.83
C ILE D 88 5.91 -7.77 31.82
N MET D 89 5.92 -6.46 31.58
CA MET D 89 6.57 -5.55 32.51
C MET D 89 5.86 -5.54 33.86
N ASN D 90 4.53 -5.51 33.84
CA ASN D 90 3.77 -5.60 35.08
C ASN D 90 4.10 -6.89 35.84
N LEU D 91 4.39 -7.98 35.13
CA LEU D 91 4.80 -9.21 35.79
C LEU D 91 6.12 -9.01 36.55
N LEU D 92 7.03 -8.22 35.99
CA LEU D 92 8.32 -8.00 36.63
C LEU D 92 8.23 -6.96 37.75
N ARG D 93 7.21 -6.12 37.68
CA ARG D 93 7.01 -5.05 38.67
C ARG D 93 6.57 -5.66 40.00
N GLU D 94 6.44 -6.97 40.02
CA GLU D 94 6.05 -7.71 41.21
C GLU D 94 7.20 -8.46 41.86
N TYR D 95 8.42 -8.36 41.31
CA TYR D 95 9.57 -9.02 41.89
C TYR D 95 10.64 -8.04 42.38
N SER D 96 10.44 -6.75 42.17
CA SER D 96 11.21 -5.71 42.85
C SER D 96 10.60 -4.36 42.51
N GLU D 97 10.80 -3.41 43.42
CA GLU D 97 10.28 -2.06 43.23
C GLU D 97 11.21 -1.22 42.35
N LYS D 98 12.51 -1.46 42.40
CA LYS D 98 13.47 -0.76 41.56
C LYS D 98 13.65 -1.55 40.26
N ILE D 99 13.20 -0.99 39.14
CA ILE D 99 13.26 -1.70 37.86
C ILE D 99 13.36 -0.73 36.69
N GLU D 100 14.43 -0.87 35.91
CA GLU D 100 14.64 -0.03 34.72
C GLU D 100 14.16 -0.81 33.49
N ILE D 101 13.11 -0.30 32.85
CA ILE D 101 12.62 -0.88 31.60
C ILE D 101 13.49 -0.32 30.48
N ALA D 102 14.48 -1.11 30.03
CA ALA D 102 15.49 -0.59 29.11
C ALA D 102 14.93 -0.37 27.71
N SER D 103 13.96 -1.18 27.27
CA SER D 103 13.43 -1.08 25.91
C SER D 103 12.18 -1.92 25.82
N ILE D 104 11.76 -2.22 24.58
CA ILE D 104 10.54 -2.98 24.34
C ILE D 104 10.62 -4.37 24.97
N ASP D 105 11.82 -4.91 25.14
CA ASP D 105 11.95 -6.30 25.57
C ASP D 105 13.00 -6.52 26.64
N GLU D 106 13.40 -5.47 27.35
CA GLU D 106 14.52 -5.56 28.28
C GLU D 106 14.15 -4.86 29.58
N ALA D 107 14.45 -5.49 30.71
CA ALA D 107 14.24 -4.90 32.02
C ALA D 107 15.45 -5.18 32.90
N TYR D 108 15.67 -4.29 33.86
CA TYR D 108 16.73 -4.43 34.85
C TYR D 108 16.09 -4.46 36.23
N LEU D 109 16.51 -5.41 37.06
CA LEU D 109 15.88 -5.65 38.35
C LEU D 109 16.94 -5.54 39.44
N ASP D 110 16.78 -4.55 40.34
CA ASP D 110 17.60 -4.48 41.55
C ASP D 110 17.00 -5.42 42.58
N ILE D 111 17.70 -6.52 42.87
CA ILE D 111 17.18 -7.54 43.77
C ILE D 111 18.14 -7.72 44.94
N SER D 112 18.83 -6.64 45.33
CA SER D 112 19.74 -6.71 46.46
C SER D 112 18.99 -6.95 47.77
N ASP D 113 17.80 -6.36 47.91
CA ASP D 113 17.00 -6.45 49.12
C ASP D 113 15.85 -7.45 48.99
N LYS D 114 16.02 -8.48 48.14
CA LYS D 114 15.09 -9.60 48.07
C LYS D 114 15.77 -10.95 48.02
N VAL D 115 17.08 -11.03 47.74
CA VAL D 115 17.84 -12.26 47.84
C VAL D 115 19.16 -11.96 48.50
N ARG D 116 19.84 -13.04 48.91
CA ARG D 116 21.07 -12.94 49.68
C ARG D 116 22.30 -13.16 48.82
N ASP D 117 22.34 -14.29 48.13
CA ASP D 117 23.49 -14.67 47.32
C ASP D 117 23.01 -14.88 45.88
N TYR D 118 23.84 -15.55 45.08
CA TYR D 118 23.49 -15.77 43.69
C TYR D 118 22.64 -17.01 43.49
N ARG D 119 22.80 -18.02 44.35
CA ARG D 119 22.01 -19.24 44.19
C ARG D 119 20.52 -18.95 44.31
N GLU D 120 20.15 -18.01 45.18
CA GLU D 120 18.75 -17.59 45.29
C GLU D 120 18.35 -16.61 44.21
N ALA D 121 19.30 -15.85 43.66
CA ALA D 121 19.01 -15.04 42.49
C ALA D 121 18.79 -15.91 41.26
N TYR D 122 19.64 -16.93 41.09
CA TYR D 122 19.43 -17.93 40.05
C TYR D 122 18.02 -18.53 40.16
N ASN D 123 17.63 -18.92 41.38
CA ASN D 123 16.31 -19.49 41.59
C ASN D 123 15.22 -18.46 41.32
N LEU D 124 15.47 -17.20 41.65
CA LEU D 124 14.51 -16.15 41.31
C LEU D 124 14.34 -16.02 39.81
N GLY D 125 15.44 -16.14 39.06
CA GLY D 125 15.34 -16.07 37.61
C GLY D 125 14.46 -17.15 37.03
N LEU D 126 14.67 -18.40 37.46
CA LEU D 126 13.79 -19.50 37.06
C LEU D 126 12.35 -19.18 37.40
N GLU D 127 12.10 -18.66 38.61
CA GLU D 127 10.77 -18.24 38.99
C GLU D 127 10.21 -17.21 38.00
N ILE D 128 11.08 -16.31 37.52
CA ILE D 128 10.63 -15.30 36.56
C ILE D 128 10.42 -15.92 35.18
N LYS D 129 11.39 -16.72 34.73
CA LYS D 129 11.26 -17.37 33.42
C LYS D 129 9.99 -18.21 33.36
N ASN D 130 9.63 -18.86 34.46
CA ASN D 130 8.50 -19.77 34.44
C ASN D 130 7.17 -19.03 34.47
N LYS D 131 7.05 -17.98 35.29
CA LYS D 131 5.79 -17.25 35.34
C LYS D 131 5.49 -16.51 34.03
N ILE D 132 6.53 -16.18 33.25
CA ILE D 132 6.27 -15.60 31.94
C ILE D 132 5.80 -16.67 30.96
N LEU D 133 6.35 -17.88 31.08
CA LEU D 133 5.85 -18.99 30.28
C LEU D 133 4.43 -19.36 30.68
N GLU D 134 4.05 -19.12 31.92
CA GLU D 134 2.69 -19.47 32.31
C GLU D 134 1.67 -18.45 31.81
N LYS D 135 1.98 -17.15 31.98
CA LYS D 135 0.97 -16.15 31.70
C LYS D 135 0.95 -15.69 30.26
N GLU D 136 2.10 -15.58 29.63
CA GLU D 136 2.15 -15.18 28.24
C GLU D 136 2.91 -16.17 27.36
N LYS D 137 3.33 -17.31 27.92
CA LYS D 137 4.00 -18.37 27.15
C LYS D 137 5.16 -17.84 26.32
N ILE D 138 5.91 -16.88 26.87
CA ILE D 138 7.04 -16.27 26.16
C ILE D 138 8.32 -16.73 26.82
N THR D 139 9.30 -17.11 26.00
CA THR D 139 10.61 -17.43 26.54
C THR D 139 11.44 -16.16 26.65
N VAL D 140 12.29 -16.11 27.67
CA VAL D 140 13.19 -14.99 27.92
C VAL D 140 14.54 -15.56 28.35
N THR D 141 15.56 -14.70 28.32
CA THR D 141 16.90 -15.02 28.77
C THR D 141 17.29 -14.09 29.91
N VAL D 142 17.86 -14.65 30.97
CA VAL D 142 18.12 -13.94 32.21
C VAL D 142 19.62 -13.86 32.44
N GLY D 143 20.14 -12.64 32.53
CA GLY D 143 21.50 -12.41 32.98
C GLY D 143 21.50 -11.95 34.42
N ILE D 144 22.55 -12.32 35.15
CA ILE D 144 22.65 -12.01 36.57
C ILE D 144 24.11 -11.74 36.91
N SER D 145 24.36 -10.59 37.54
CA SER D 145 25.72 -10.22 37.92
C SER D 145 25.70 -9.10 38.94
N LYS D 146 26.83 -8.40 39.09
CA LYS D 146 26.98 -7.37 40.12
C LYS D 146 26.59 -5.98 39.65
N ASN D 147 26.49 -5.75 38.34
CA ASN D 147 26.02 -4.46 37.84
C ASN D 147 25.31 -4.64 36.51
N LYS D 148 24.78 -3.52 36.00
CA LYS D 148 23.93 -3.55 34.80
C LYS D 148 24.70 -4.04 33.59
N VAL D 149 25.93 -3.57 33.41
CA VAL D 149 26.72 -3.96 32.24
C VAL D 149 26.93 -5.46 32.21
N PHE D 150 27.28 -6.05 33.36
CA PHE D 150 27.69 -7.44 33.39
C PHE D 150 26.54 -8.42 33.48
N ALA D 151 25.39 -7.99 34.02
CA ALA D 151 24.19 -8.80 33.87
C ALA D 151 23.71 -8.83 32.42
N LYS D 152 24.10 -7.85 31.62
CA LYS D 152 23.70 -7.79 30.23
C LYS D 152 24.57 -8.69 29.36
N ILE D 153 25.90 -8.66 29.57
CA ILE D 153 26.79 -9.60 28.89
C ILE D 153 26.41 -11.03 29.25
N ALA D 154 26.09 -11.26 30.53
CA ALA D 154 25.60 -12.56 30.97
C ALA D 154 24.51 -13.08 30.05
N ALA D 155 23.50 -12.24 29.79
CA ALA D 155 22.35 -12.66 29.01
C ALA D 155 22.72 -12.91 27.55
N ASP D 156 23.58 -12.05 26.98
CA ASP D 156 23.99 -12.22 25.58
C ASP D 156 24.54 -13.61 25.32
N MET D 157 25.15 -14.24 26.32
CA MET D 157 25.69 -15.58 26.16
C MET D 157 24.61 -16.65 26.21
N ALA D 158 23.69 -16.56 27.16
CA ALA D 158 22.72 -17.62 27.40
C ALA D 158 21.59 -17.67 26.38
N LYS D 159 21.55 -16.76 25.40
CA LYS D 159 20.39 -16.75 24.52
C LYS D 159 20.43 -17.91 23.53
N PRO D 160 19.31 -18.60 23.29
CA PRO D 160 17.98 -18.30 23.83
C PRO D 160 17.54 -19.24 24.95
N ASN D 161 16.34 -19.00 25.50
CA ASN D 161 15.80 -19.70 26.67
C ASN D 161 16.90 -20.12 27.63
N GLY D 162 17.72 -19.15 28.05
CA GLY D 162 18.84 -19.43 28.92
C GLY D 162 18.81 -18.55 30.16
N ILE D 163 19.64 -18.93 31.13
CA ILE D 163 19.80 -18.17 32.36
C ILE D 163 21.20 -18.40 32.89
N LYS D 164 21.97 -17.33 33.04
CA LYS D 164 23.37 -17.44 33.39
C LYS D 164 23.75 -16.43 34.46
N VAL D 165 24.58 -16.85 35.39
CA VAL D 165 25.03 -16.01 36.50
C VAL D 165 26.52 -15.73 36.32
N ILE D 166 26.89 -14.45 36.34
CA ILE D 166 28.29 -14.03 36.31
C ILE D 166 28.66 -13.47 37.66
N ASP D 167 29.28 -14.28 38.53
CA ASP D 167 29.76 -13.72 39.79
C ASP D 167 31.25 -13.37 39.69
N ASP D 168 31.79 -12.91 40.81
CA ASP D 168 32.89 -11.97 40.85
C ASP D 168 34.23 -12.57 40.48
N GLU D 169 34.36 -13.90 40.44
CA GLU D 169 35.60 -14.46 39.89
C GLU D 169 35.50 -14.60 38.38
N GLU D 170 34.33 -15.01 37.87
CA GLU D 170 34.12 -14.99 36.43
C GLU D 170 34.10 -13.55 35.91
N VAL D 171 33.71 -12.58 36.75
CA VAL D 171 33.82 -11.19 36.36
C VAL D 171 35.27 -10.84 36.08
N LYS D 172 36.18 -11.17 37.00
CA LYS D 172 37.60 -10.94 36.76
C LYS D 172 38.09 -11.73 35.56
N ARG D 173 37.56 -12.93 35.37
CA ARG D 173 37.91 -13.75 34.20
C ARG D 173 37.53 -13.03 32.92
N LEU D 174 36.30 -12.50 32.86
CA LEU D 174 35.81 -11.91 31.62
C LEU D 174 36.42 -10.55 31.34
N ILE D 175 36.80 -9.80 32.38
CA ILE D 175 37.61 -8.60 32.14
C ILE D 175 38.86 -8.98 31.37
N ARG D 176 39.40 -10.18 31.62
CA ARG D 176 40.55 -10.73 30.91
C ARG D 176 40.16 -11.44 29.61
N GLU D 177 38.97 -12.04 29.55
CA GLU D 177 38.63 -13.00 28.50
C GLU D 177 37.57 -12.49 27.51
N LEU D 178 36.91 -11.37 27.79
CA LEU D 178 35.84 -10.87 26.95
C LEU D 178 36.38 -9.86 25.94
N ASP D 179 36.00 -10.02 24.68
CA ASP D 179 36.45 -9.09 23.65
C ASP D 179 35.63 -7.80 23.72
N ILE D 180 36.33 -6.67 23.55
CA ILE D 180 35.77 -5.35 23.88
C ILE D 180 34.59 -4.97 22.99
N ALA D 181 34.54 -5.48 21.76
CA ALA D 181 33.43 -5.14 20.88
C ALA D 181 32.10 -5.65 21.45
N ASP D 182 32.16 -6.70 22.28
CA ASP D 182 31.00 -7.26 22.95
C ASP D 182 30.65 -6.54 24.24
N VAL D 183 31.41 -5.52 24.61
CA VAL D 183 30.98 -4.63 25.71
C VAL D 183 29.78 -3.83 25.25
N PRO D 184 28.71 -3.75 26.04
CA PRO D 184 27.59 -2.87 25.67
C PRO D 184 28.05 -1.45 25.44
N GLY D 185 27.62 -0.88 24.32
CA GLY D 185 27.99 0.48 23.98
C GLY D 185 29.25 0.63 23.16
N ILE D 186 29.78 -0.44 22.58
CA ILE D 186 30.99 -0.39 21.76
C ILE D 186 30.65 -1.06 20.42
N GLY D 187 30.23 -0.25 19.45
CA GLY D 187 29.89 -0.73 18.12
C GLY D 187 31.13 -0.80 17.25
N ASN D 188 30.90 -0.88 15.95
CA ASN D 188 32.02 -1.19 15.06
C ASN D 188 32.97 -0.01 14.86
N ILE D 189 32.47 1.22 14.89
CA ILE D 189 33.35 2.37 14.64
C ILE D 189 34.37 2.54 15.76
N THR D 190 33.92 2.38 17.01
CA THR D 190 34.84 2.47 18.13
C THR D 190 35.49 1.14 18.48
N ALA D 191 34.95 0.01 18.01
CA ALA D 191 35.58 -1.28 18.27
C ALA D 191 36.97 -1.34 17.66
N GLU D 192 37.10 -0.94 16.38
CA GLU D 192 38.39 -1.02 15.72
C GLU D 192 39.30 0.12 16.15
N LYS D 193 38.71 1.27 16.53
CA LYS D 193 39.49 2.32 17.16
C LYS D 193 40.31 1.78 18.33
N LEU D 194 39.86 0.70 18.95
CA LEU D 194 40.51 0.14 20.13
C LEU D 194 41.43 -1.03 19.83
N LYS D 195 41.18 -1.81 18.77
CA LYS D 195 42.19 -2.77 18.30
C LYS D 195 43.24 -2.10 17.41
N LYS D 196 42.90 -1.00 16.75
CA LYS D 196 43.99 -0.19 16.24
C LYS D 196 44.74 0.48 17.37
N LEU D 197 44.23 0.43 18.61
CA LEU D 197 45.06 0.61 19.79
C LEU D 197 45.30 -0.70 20.52
N GLY D 198 45.21 -1.81 19.77
CA GLY D 198 45.60 -3.13 20.26
C GLY D 198 44.71 -3.68 21.34
N ILE D 199 43.94 -2.80 21.99
CA ILE D 199 42.98 -3.22 22.99
C ILE D 199 41.95 -4.13 22.32
N ASN D 200 41.91 -5.38 22.75
CA ASN D 200 40.92 -6.32 22.27
C ASN D 200 40.10 -6.92 23.40
N LYS D 201 40.54 -6.81 24.65
CA LYS D 201 39.78 -7.23 25.81
C LYS D 201 39.92 -6.16 26.89
N LEU D 202 38.97 -6.17 27.83
CA LEU D 202 38.77 -5.01 28.70
C LEU D 202 39.99 -4.71 29.55
N VAL D 203 40.59 -5.75 30.16
CA VAL D 203 41.65 -5.54 31.14
C VAL D 203 42.80 -4.72 30.55
N ASP D 204 42.97 -4.76 29.23
CA ASP D 204 44.05 -4.00 28.62
C ASP D 204 43.95 -2.51 28.94
N THR D 205 42.74 -1.96 28.90
CA THR D 205 42.47 -0.52 29.06
C THR D 205 43.23 0.09 30.22
N LEU D 206 43.49 -0.70 31.26
CA LEU D 206 44.35 -0.25 32.33
C LEU D 206 45.79 -0.05 31.86
N SER D 207 46.21 -0.77 30.82
CA SER D 207 47.60 -0.76 30.39
C SER D 207 47.88 0.24 29.27
N ILE D 208 47.13 1.33 29.22
CA ILE D 208 47.36 2.39 28.23
C ILE D 208 47.30 3.74 28.94
N GLU D 209 48.21 4.63 28.56
CA GLU D 209 48.13 6.03 28.98
C GLU D 209 46.71 6.55 28.75
N PHE D 210 46.18 7.22 29.76
CA PHE D 210 44.74 7.50 29.78
C PHE D 210 44.35 8.47 28.67
N ASP D 211 45.17 9.49 28.39
CA ASP D 211 44.76 10.49 27.42
C ASP D 211 44.92 10.01 25.99
N LYS D 212 45.90 9.14 25.71
CA LYS D 212 45.91 8.45 24.43
C LYS D 212 44.60 7.70 24.22
N LEU D 213 44.05 7.15 25.30
CA LEU D 213 42.76 6.49 25.23
C LEU D 213 41.63 7.49 25.03
N LYS D 214 41.63 8.57 25.81
CA LYS D 214 40.51 9.51 25.76
C LYS D 214 40.47 10.29 24.46
N GLY D 215 41.62 10.53 23.83
CA GLY D 215 41.63 11.29 22.60
C GLY D 215 40.91 10.60 21.46
N MET D 216 40.88 9.27 21.46
CA MET D 216 40.29 8.51 20.36
C MET D 216 38.79 8.30 20.52
N ILE D 217 38.31 8.12 21.75
CA ILE D 217 36.94 7.72 22.01
C ILE D 217 36.19 8.72 22.87
N GLY D 218 36.79 9.84 23.23
CA GLY D 218 36.16 10.77 24.12
C GLY D 218 36.35 10.40 25.58
N GLU D 219 36.08 11.37 26.46
CA GLU D 219 36.36 11.18 27.88
C GLU D 219 35.34 10.23 28.53
N ALA D 220 34.07 10.29 28.10
CA ALA D 220 33.04 9.51 28.77
C ALA D 220 33.17 8.02 28.44
N LYS D 221 33.42 7.68 27.17
CA LYS D 221 33.67 6.28 26.84
C LYS D 221 34.89 5.75 27.59
N ALA D 222 35.88 6.60 27.83
CA ALA D 222 37.14 6.15 28.45
C ALA D 222 36.93 5.80 29.92
N LYS D 223 36.38 6.73 30.70
CA LYS D 223 36.08 6.45 32.11
C LYS D 223 35.11 5.28 32.24
N TYR D 224 34.21 5.12 31.26
CA TYR D 224 33.34 3.95 31.22
C TYR D 224 34.14 2.66 31.10
N LEU D 225 35.06 2.60 30.13
CA LEU D 225 35.84 1.37 29.94
C LEU D 225 36.74 1.10 31.13
N ILE D 226 37.40 2.15 31.65
CA ILE D 226 38.32 1.95 32.76
C ILE D 226 37.56 1.52 34.01
N SER D 227 36.43 2.18 34.29
CA SER D 227 35.60 1.76 35.42
C SER D 227 35.23 0.29 35.32
N LEU D 228 34.87 -0.15 34.10
CA LEU D 228 34.54 -1.56 33.90
C LEU D 228 35.73 -2.45 34.22
N ALA D 229 36.94 -2.02 33.85
CA ALA D 229 38.11 -2.90 34.02
C ALA D 229 38.52 -2.99 35.48
N ARG D 230 38.48 -1.88 36.21
CA ARG D 230 38.84 -1.86 37.62
C ARG D 230 37.83 -2.56 38.52
N ASP D 231 36.74 -3.09 37.97
CA ASP D 231 35.63 -3.63 38.74
C ASP D 231 35.08 -2.57 39.70
N GLU D 232 34.96 -1.34 39.20
CA GLU D 232 34.35 -0.25 39.94
C GLU D 232 33.16 0.35 39.19
N TYR D 233 32.77 -0.21 38.04
CA TYR D 233 31.62 0.30 37.31
C TYR D 233 30.38 0.21 38.17
N ASN D 234 29.73 1.33 38.40
CA ASN D 234 28.50 1.34 39.19
C ASN D 234 27.61 2.49 38.74
N GLU D 235 26.41 2.14 38.32
CA GLU D 235 25.36 3.08 37.97
C GLU D 235 24.06 2.42 38.34
N PRO D 236 23.09 3.14 38.88
CA PRO D 236 21.96 2.50 39.56
C PRO D 236 20.84 2.15 38.60
N ILE D 237 19.91 1.34 39.10
CA ILE D 237 18.69 1.06 38.37
C ILE D 237 17.81 2.31 38.44
N ARG D 238 17.53 2.89 37.28
CA ARG D 238 16.79 4.13 37.18
C ARG D 238 15.44 3.88 36.53
N THR D 239 14.39 4.47 37.09
CA THR D 239 13.12 4.45 36.39
C THR D 239 13.27 5.22 35.08
N ARG D 240 12.92 4.56 33.98
CA ARG D 240 13.08 5.19 32.68
C ARG D 240 12.02 6.28 32.50
N VAL D 241 12.44 7.40 31.91
CA VAL D 241 11.53 8.51 31.60
C VAL D 241 11.81 8.94 30.17
N ARG D 242 10.81 8.81 29.31
CA ARG D 242 11.01 9.15 27.91
C ARG D 242 11.26 10.65 27.77
N LYS D 243 12.36 10.99 27.10
CA LYS D 243 12.79 12.37 26.93
C LYS D 243 12.59 12.86 25.51
N SER D 244 11.93 12.08 24.67
CA SER D 244 11.93 12.29 23.23
C SER D 244 10.85 11.43 22.59
N ILE D 245 10.09 12.04 21.71
CA ILE D 245 9.01 11.38 20.98
C ILE D 245 9.08 11.84 19.53
N GLY D 246 8.95 10.90 18.60
CA GLY D 246 9.09 11.24 17.21
C GLY D 246 8.53 10.16 16.31
N ARG D 247 8.28 10.57 15.07
CA ARG D 247 7.88 9.67 14.00
C ARG D 247 8.61 10.11 12.75
N ILE D 248 9.04 9.16 11.93
CA ILE D 248 9.76 9.48 10.70
C ILE D 248 9.40 8.45 9.63
N VAL D 249 8.91 8.93 8.49
CA VAL D 249 8.44 8.05 7.43
C VAL D 249 9.36 8.15 6.23
N THR D 250 9.28 7.16 5.35
CA THR D 250 9.96 7.19 4.06
C THR D 250 8.98 7.65 2.98
N MET D 251 9.47 8.46 2.06
CA MET D 251 8.68 8.95 0.94
C MET D 251 8.86 8.04 -0.27
N LYS D 252 7.86 8.07 -1.17
CA LYS D 252 7.88 7.18 -2.33
C LYS D 252 9.10 7.44 -3.21
N ARG D 253 9.54 8.69 -3.30
CA ARG D 253 10.77 9.00 -4.00
C ARG D 253 11.43 10.20 -3.33
N ASN D 254 12.74 10.32 -3.52
CA ASN D 254 13.48 11.44 -2.94
C ASN D 254 13.10 12.74 -3.63
N SER D 255 13.36 13.85 -2.93
CA SER D 255 13.06 15.17 -3.47
C SER D 255 13.65 16.24 -2.56
N ARG D 256 14.05 17.35 -3.17
CA ARG D 256 14.30 18.60 -2.46
C ARG D 256 13.15 19.58 -2.60
N ASN D 257 11.99 19.09 -3.04
CA ASN D 257 10.81 19.91 -3.30
C ASN D 257 10.04 20.09 -2.00
N LEU D 258 9.86 21.34 -1.58
CA LEU D 258 9.28 21.65 -0.27
C LEU D 258 7.86 21.12 -0.17
N GLU D 259 7.03 21.33 -1.20
CA GLU D 259 5.62 21.01 -1.10
C GLU D 259 5.33 19.53 -1.34
N GLU D 260 6.21 18.81 -2.03
CA GLU D 260 6.11 17.35 -2.07
C GLU D 260 6.32 16.76 -0.69
N ILE D 261 7.26 17.33 0.07
CA ILE D 261 7.67 16.75 1.34
C ILE D 261 6.68 17.09 2.45
N LYS D 262 6.03 18.26 2.39
CA LYS D 262 5.09 18.72 3.41
C LYS D 262 4.07 17.67 3.86
N PRO D 263 3.34 16.97 2.98
CA PRO D 263 2.33 16.02 3.49
C PRO D 263 2.93 14.95 4.39
N TYR D 264 4.06 14.37 3.99
CA TYR D 264 4.77 13.43 4.86
C TYR D 264 5.10 14.09 6.19
N LEU D 265 5.82 15.21 6.16
CA LEU D 265 6.20 15.90 7.38
C LEU D 265 4.99 16.19 8.25
N PHE D 266 3.90 16.65 7.65
CA PHE D 266 2.70 16.93 8.44
C PHE D 266 2.08 15.65 8.98
N ARG D 267 2.17 14.55 8.23
CA ARG D 267 1.75 13.27 8.79
C ARG D 267 2.60 12.87 9.98
N ALA D 268 3.91 13.16 9.95
CA ALA D 268 4.77 12.82 11.07
C ALA D 268 4.39 13.60 12.33
N ILE D 269 3.94 14.85 12.16
CA ILE D 269 3.59 15.67 13.32
C ILE D 269 2.27 15.24 13.92
N GLU D 270 1.26 14.99 13.07
CA GLU D 270 0.00 14.45 13.56
C GLU D 270 0.21 13.16 14.34
N GLU D 271 1.01 12.24 13.82
CA GLU D 271 1.28 11.00 14.53
C GLU D 271 2.14 11.24 15.76
N SER D 272 3.02 12.24 15.73
CA SER D 272 3.86 12.51 16.88
C SER D 272 3.05 13.08 18.04
N TYR D 273 2.01 13.85 17.74
CA TYR D 273 1.23 14.44 18.83
C TYR D 273 0.31 13.44 19.50
N TYR D 274 -0.18 12.42 18.77
CA TYR D 274 -0.91 11.35 19.45
C TYR D 274 0.01 10.61 20.41
N LYS D 275 1.24 10.33 19.97
CA LYS D 275 2.23 9.68 20.82
C LYS D 275 2.55 10.49 22.07
N LEU D 276 2.32 11.80 22.04
CA LEU D 276 2.71 12.66 23.16
C LEU D 276 1.90 12.34 24.40
N ASP D 277 0.59 12.13 24.24
CA ASP D 277 -0.33 11.76 25.31
C ASP D 277 -0.15 12.59 26.58
N LYS D 278 -0.69 13.81 26.58
CA LYS D 278 -0.74 14.76 27.69
C LYS D 278 0.62 15.29 28.10
N ARG D 279 1.70 14.89 27.44
CA ARG D 279 2.99 15.53 27.64
C ARG D 279 3.11 16.70 26.68
N ILE D 280 3.59 17.82 27.20
CA ILE D 280 3.68 19.06 26.44
C ILE D 280 5.16 19.35 26.18
N PRO D 281 5.59 19.45 24.93
CA PRO D 281 7.02 19.61 24.64
C PRO D 281 7.43 21.07 24.46
N LYS D 282 8.73 21.30 24.70
CA LYS D 282 9.35 22.60 24.47
C LYS D 282 10.26 22.66 23.26
N ALA D 283 10.76 21.51 22.78
CA ALA D 283 11.71 21.49 21.68
C ALA D 283 11.21 20.56 20.58
N ILE D 284 11.43 20.99 19.33
CA ILE D 284 11.07 20.21 18.15
C ILE D 284 12.29 20.16 17.23
N HIS D 285 12.60 18.98 16.73
CA HIS D 285 13.67 18.79 15.75
C HIS D 285 13.09 18.16 14.50
N VAL D 286 13.20 18.84 13.38
CA VAL D 286 12.89 18.24 12.09
C VAL D 286 14.08 17.38 11.68
N VAL D 287 13.82 16.10 11.41
CA VAL D 287 14.86 15.12 11.13
C VAL D 287 14.67 14.61 9.71
N ALA D 288 15.76 14.59 8.94
CA ALA D 288 15.75 14.10 7.58
C ALA D 288 16.87 13.09 7.39
N VAL D 289 16.57 12.01 6.66
CA VAL D 289 17.56 11.06 6.20
C VAL D 289 17.76 11.29 4.71
N THR D 290 19.01 11.44 4.29
CA THR D 290 19.34 11.88 2.94
C THR D 290 19.41 10.69 1.97
N GLU D 291 19.65 10.99 0.70
CA GLU D 291 19.96 9.94 -0.26
C GLU D 291 21.17 9.14 0.21
N ASP D 292 22.24 9.85 0.58
CA ASP D 292 23.43 9.24 1.17
C ASP D 292 23.06 8.31 2.33
N LEU D 293 22.02 8.68 3.09
CA LEU D 293 21.57 8.07 4.35
C LEU D 293 22.33 8.66 5.54
N ASP D 294 22.80 9.90 5.39
CA ASP D 294 23.18 10.70 6.55
C ASP D 294 21.91 11.26 7.20
N ILE D 295 22.06 11.91 8.34
CA ILE D 295 20.93 12.41 9.10
C ILE D 295 21.18 13.87 9.47
N VAL D 296 20.41 14.77 8.85
CA VAL D 296 20.46 16.21 9.12
C VAL D 296 19.33 16.55 10.08
N SER D 297 19.62 17.39 11.07
CA SER D 297 18.66 17.69 12.13
C SER D 297 18.76 19.16 12.51
N ARG D 298 17.72 19.93 12.21
CA ARG D 298 17.59 21.30 12.67
C ARG D 298 16.47 21.38 13.69
N GLY D 299 16.73 22.05 14.80
CA GLY D 299 15.73 22.18 15.84
C GLY D 299 15.60 23.60 16.36
N ARG D 300 14.80 23.77 17.41
CA ARG D 300 14.66 25.05 18.10
C ARG D 300 13.86 24.81 19.37
N THR D 301 14.24 25.49 20.44
CA THR D 301 13.57 25.38 21.72
C THR D 301 12.76 26.64 21.99
N PHE D 302 11.83 26.53 22.93
CA PHE D 302 10.95 27.62 23.29
C PHE D 302 11.00 27.80 24.80
N PRO D 303 10.69 28.98 25.29
CA PRO D 303 10.34 29.08 26.71
C PRO D 303 9.02 28.36 26.96
N HIS D 304 8.73 27.25 26.27
CA HIS D 304 7.31 27.05 26.09
C HIS D 304 6.86 25.73 25.48
N GLY D 305 5.67 25.31 25.91
CA GLY D 305 4.97 24.23 25.24
C GLY D 305 4.52 24.62 23.84
N ILE D 306 4.53 23.63 22.95
CA ILE D 306 4.24 23.82 21.53
C ILE D 306 2.91 23.14 21.22
N SER D 307 1.93 23.91 20.77
CA SER D 307 0.70 23.30 20.28
C SER D 307 0.90 22.79 18.86
N LYS D 308 0.03 21.86 18.46
CA LYS D 308 0.16 21.21 17.15
C LYS D 308 0.26 22.24 16.03
N GLU D 309 -0.47 23.35 16.15
CA GLU D 309 -0.49 24.35 15.09
C GLU D 309 0.79 25.19 15.05
N THR D 310 1.39 25.44 16.23
CA THR D 310 2.71 26.07 16.23
C THR D 310 3.77 25.12 15.70
N ALA D 311 3.66 23.83 16.06
CA ALA D 311 4.56 22.82 15.53
C ALA D 311 4.51 22.76 14.02
N TYR D 312 3.30 22.74 13.46
CA TYR D 312 3.10 22.77 12.01
C TYR D 312 3.91 23.89 11.36
N SER D 313 3.81 25.10 11.90
CA SER D 313 4.44 26.25 11.29
C SER D 313 5.96 26.18 11.38
N GLU D 314 6.48 25.96 12.60
CA GLU D 314 7.92 25.96 12.79
C GLU D 314 8.59 24.82 12.03
N SER D 315 7.97 23.65 11.96
CA SER D 315 8.58 22.52 11.27
C SER D 315 8.89 22.83 9.81
N VAL D 316 8.03 23.61 9.15
CA VAL D 316 8.33 24.02 7.78
C VAL D 316 9.55 24.94 7.76
N LYS D 317 9.65 25.86 8.71
CA LYS D 317 10.80 26.75 8.78
C LYS D 317 12.08 25.96 9.04
N LEU D 318 12.01 24.93 9.90
CA LEU D 318 13.20 24.11 10.14
C LEU D 318 13.47 23.18 8.97
N LEU D 319 12.43 22.66 8.32
CA LEU D 319 12.65 21.91 7.09
C LEU D 319 13.18 22.80 5.98
N GLN D 320 12.71 24.05 5.92
CA GLN D 320 13.28 25.02 5.01
C GLN D 320 14.78 25.18 5.25
N LYS D 321 15.15 25.49 6.49
CA LYS D 321 16.54 25.72 6.85
C LYS D 321 17.39 24.49 6.56
N ILE D 322 16.83 23.29 6.70
CA ILE D 322 17.54 22.08 6.28
C ILE D 322 17.93 22.18 4.81
N LEU D 323 17.02 22.67 3.97
CA LEU D 323 17.22 22.59 2.54
C LEU D 323 18.24 23.61 2.03
N GLU D 324 18.41 24.75 2.72
CA GLU D 324 19.31 25.77 2.20
C GLU D 324 20.77 25.48 2.51
N GLU D 325 21.07 25.01 3.73
CA GLU D 325 22.46 24.74 4.08
C GLU D 325 22.85 23.30 3.82
N ASP D 326 22.08 22.55 3.03
CA ASP D 326 22.67 21.34 2.47
C ASP D 326 22.02 20.93 1.16
N GLU D 327 22.76 20.10 0.43
CA GLU D 327 22.70 19.94 -1.00
C GLU D 327 21.89 18.73 -1.46
N ARG D 328 21.74 17.72 -0.63
CA ARG D 328 21.25 16.42 -1.04
C ARG D 328 19.73 16.34 -0.99
N LYS D 329 19.18 15.33 -1.66
CA LYS D 329 17.75 15.08 -1.60
C LYS D 329 17.41 14.32 -0.32
N ILE D 330 16.16 14.44 0.10
CA ILE D 330 15.68 13.81 1.32
C ILE D 330 14.99 12.50 0.96
N ARG D 331 15.21 11.47 1.78
CA ARG D 331 14.60 10.16 1.61
C ARG D 331 13.56 9.84 2.67
N ARG D 332 13.81 10.27 3.91
CA ARG D 332 12.88 10.11 5.02
C ARG D 332 12.82 11.42 5.80
N ILE D 333 11.62 11.83 6.17
CA ILE D 333 11.46 13.05 6.95
C ILE D 333 10.62 12.74 8.17
N GLY D 334 10.89 13.46 9.26
CA GLY D 334 10.11 13.29 10.48
C GLY D 334 10.45 14.38 11.47
N VAL D 335 9.86 14.27 12.65
CA VAL D 335 10.05 15.22 13.72
C VAL D 335 10.29 14.47 15.02
N ARG D 336 11.00 15.12 15.94
CA ARG D 336 11.19 14.62 17.29
C ARG D 336 10.84 15.74 18.26
N PHE D 337 10.15 15.41 19.35
CA PHE D 337 9.73 16.39 20.35
C PHE D 337 10.43 16.06 21.66
N SER D 338 11.17 17.02 22.21
CA SER D 338 11.93 16.83 23.44
C SER D 338 11.61 17.95 24.41
N LYS D 339 12.21 17.86 25.60
CA LYS D 339 12.09 18.86 26.65
C LYS D 339 10.62 19.07 27.03
N PHE D 340 10.09 18.07 27.71
CA PHE D 340 8.70 18.09 28.13
C PHE D 340 8.54 18.90 29.42
N ILE D 341 7.29 19.20 29.76
CA ILE D 341 6.95 19.87 31.02
C ILE D 341 6.48 18.81 32.02
P A38 F 5 -11.76 -6.36 -4.99
O1P A38 F 5 -10.72 -7.19 -4.36
O2P A38 F 5 -13.10 -6.25 -4.35
O5' A38 F 5 -11.46 -5.57 -6.37
C5' A38 F 5 -12.20 -4.39 -6.60
C4' A38 F 5 -11.32 -3.46 -7.42
O4' A38 F 5 -11.19 -4.02 -8.88
C3' A38 F 5 -11.89 -2.29 -7.54
O3' A38 F 5 -10.87 -1.27 -7.67
C2' A38 F 5 -12.74 -2.35 -8.92
C1' A38 F 5 -11.93 -2.98 -9.74
N9 A38 F 5 -12.70 -3.68 -10.80
C8 A38 F 5 -13.64 -4.74 -10.63
N7 A38 F 5 -14.14 -5.10 -11.93
C5 A38 F 5 -13.50 -4.21 -12.93
C6 A38 F 5 -13.58 -4.07 -14.34
N6 A38 F 5 -14.46 -4.92 -15.11
N1 A38 F 5 -12.83 -3.14 -14.91
C2 A38 F 5 -12.01 -2.33 -14.24
N3 A38 F 5 -11.91 -2.44 -12.91
C4 A38 F 5 -12.63 -3.36 -12.25
O A38 F 5 -13.94 -5.24 -9.61
O2 1FZ G . -11.19 -1.62 -17.29
O4 1FZ G . -14.29 -4.84 -18.03
C4 1FZ G . -13.49 -4.02 -18.49
C5 1FZ G . -13.33 -3.85 -19.84
C6 1FZ G . -12.42 -2.91 -20.30
C5M 1FZ G . -14.06 -4.63 -20.74
N3 1FZ G . -12.74 -3.23 -17.63
C2 1FZ G . -11.83 -2.29 -18.10
N1 1FZ G . -11.65 -2.11 -19.41
C1' 1FZ G . -10.64 -1.07 -19.85
C2' 1FZ G . -9.28 -1.63 -20.25
C3' 1FZ G . -9.55 -2.01 -21.69
O3' 1FZ G . -8.31 -2.15 -22.46
O4' 1FZ G . -10.91 -0.21 -21.00
C4' 1FZ G . -10.36 -0.82 -22.20
C5' 1FZ G . -11.58 -1.32 -22.95
O5' 1FZ G . -11.35 -1.61 -24.31
PA 1FZ G . -12.06 -2.89 -24.93
O1A 1FZ G . -12.50 -2.71 -26.34
O2A 1FZ G . -13.33 -3.26 -23.99
N3A 1FZ G . -11.06 -4.15 -24.65
PB 1FZ G . -9.50 -3.87 -25.13
O1B 1FZ G . -8.54 -3.97 -23.85
O2B 1FZ G . -9.22 -2.66 -25.94
O3B 1FZ G . -9.21 -5.19 -25.93
PG 1FZ G . -9.91 -5.44 -27.34
O1G 1FZ G . -10.73 -4.12 -27.77
O3G 1FZ G . -8.89 -5.81 -28.35
O2G 1FZ G . -11.05 -6.57 -27.11
MG MG H . -10.43 -2.06 -27.35
MG MG I . -14.08 -1.18 -26.37
MG MG J . 16.92 -6.59 23.74
O2 1FZ K . 13.22 -3.42 15.47
O4 1FZ K . 17.75 -3.49 15.02
C4 1FZ K . 16.74 -3.81 15.65
C5 1FZ K . 16.84 -4.57 16.81
C6 1FZ K . 15.68 -4.90 17.50
C5M 1FZ K . 18.08 -4.97 17.27
N3 1FZ K . 15.48 -3.43 15.20
C2 1FZ K . 14.31 -3.78 15.90
N1 1FZ K . 14.41 -4.50 17.03
C1' 1FZ K . 13.20 -4.89 17.79
C2' 1FZ K . 12.61 -6.26 17.39
C3' 1FZ K . 13.33 -7.16 18.37
O3' 1FZ K . 12.69 -8.45 18.51
O4' 1FZ K . 13.70 -5.10 19.13
C4' 1FZ K . 13.15 -6.33 19.58
C5' 1FZ K . 14.05 -6.85 20.69
O5' 1FZ K . 15.40 -6.65 20.28
PA 1FZ K . 16.63 -7.58 20.77
O1A 1FZ K . 16.58 -8.00 22.19
O2A 1FZ K . 17.98 -6.73 20.44
N3A 1FZ K . 16.74 -8.84 19.70
PB 1FZ K . 15.59 -10.01 19.91
O1B 1FZ K . 14.65 -9.99 18.59
O2B 1FZ K . 14.79 -9.98 21.16
O3B 1FZ K . 16.42 -11.38 19.79
PG 1FZ K . 17.54 -11.75 20.88
O1G 1FZ K . 17.32 -10.82 22.20
O3G 1FZ K . 17.53 -13.19 21.18
O2G 1FZ K . 18.94 -11.24 20.26
MG MG L . 15.61 -9.89 23.05
#